data_6UW5
#
_entry.id   6UW5
#
_cell.length_a   46.013
_cell.length_b   73.647
_cell.length_c   91.270
_cell.angle_alpha   90.000
_cell.angle_beta   95.230
_cell.angle_gamma   90.000
#
_symmetry.space_group_name_H-M   'P 1 21 1'
#
loop_
_entity.id
_entity.type
_entity.pdbx_description
1 polymer 'Phosphoenolpyruvate transferase'
2 non-polymer "GUANOSINE-5'-DIPHOSPHATE"
3 non-polymer 1-deoxy-1-(8-hydroxy-2,4-dioxo-3,4-dihydropyrimido[4,5-b]quinolin-10(2H)-yl)-D-ribitol
4 non-polymer 'CALCIUM ION'
5 water water
#
_entity_poly.entity_id   1
_entity_poly.type   'polypeptide(L)'
_entity_poly.pdbx_seq_one_letter_code
;MKITVLVGGVGGARFLLGVQNLLGLGSFADGPSKHELTAVVNIGDDAWMHGVRICPDLDTCMYTLGGGIDPDRGWGHRNE
TWNAKEELAAYGVQPDWFGLGDRDLATHLVRSQMLRAGYPLSQVTEALCKRWQPGARLLPASDERSETHVVITDPTDGER
RAIHFQEWWVRYRAKVPTHSFAYVGADQATAGPGVVEAIGDADIVLLAPSNPVVSIGPILQIPGIRGALRSTSAPVIGYS
PIIAGKPLRGMADECLKVIGVESTSQAVGEFFGARAGTGLLDGWLVHEGDHAQIEGVKVKAVPLLMTDPEATAAMVRAGL
DLAGVSL
;
_entity_poly.pdbx_strand_id   B,A
#
loop_
_chem_comp.id
_chem_comp.type
_chem_comp.name
_chem_comp.formula
CA non-polymer 'CALCIUM ION' 'Ca 2'
FO1 non-polymer 1-deoxy-1-(8-hydroxy-2,4-dioxo-3,4-dihydropyrimido[4,5-b]quinolin-10(2H)-yl)-D-ribitol 'C16 H17 N3 O7'
GDP RNA linking GUANOSINE-5'-DIPHOSPHATE 'C10 H15 N5 O11 P2'
#
# COMPACT_ATOMS: atom_id res chain seq x y z
N MET A 1 -7.91 32.36 21.83
CA MET A 1 -7.48 32.54 20.45
C MET A 1 -6.55 31.40 19.98
N LYS A 2 -5.37 31.26 20.59
CA LYS A 2 -4.39 30.27 20.13
C LYS A 2 -3.94 29.38 21.28
N ILE A 3 -4.18 28.07 21.14
CA ILE A 3 -3.76 27.08 22.12
C ILE A 3 -2.86 26.07 21.41
N THR A 4 -1.72 25.77 22.02
CA THR A 4 -0.78 24.78 21.47
C THR A 4 -0.60 23.67 22.50
N VAL A 5 -0.76 22.43 22.05
CA VAL A 5 -0.69 21.26 22.94
C VAL A 5 0.29 20.25 22.36
N LEU A 6 1.20 19.78 23.20
CA LEU A 6 2.08 18.66 22.85
C LEU A 6 1.38 17.36 23.18
N VAL A 7 1.36 16.43 22.21
CA VAL A 7 0.54 15.21 22.36
C VAL A 7 1.27 13.96 21.87
N GLY A 8 0.84 12.81 22.44
CA GLY A 8 1.18 11.51 21.91
C GLY A 8 0.04 11.02 21.03
N GLY A 9 -0.39 9.76 21.19
CA GLY A 9 -1.48 9.20 20.39
C GLY A 9 -2.87 9.11 21.00
N VAL A 10 -3.23 7.98 21.59
CA VAL A 10 -4.58 7.82 22.19
C VAL A 10 -4.83 8.92 23.24
N GLY A 11 -3.89 9.10 24.16
CA GLY A 11 -4.12 10.06 25.23
C GLY A 11 -4.11 11.51 24.77
N GLY A 12 -3.18 11.86 23.87
CA GLY A 12 -3.13 13.21 23.36
C GLY A 12 -4.40 13.57 22.62
N ALA A 13 -4.88 12.65 21.76
CA ALA A 13 -6.13 12.88 21.05
C ALA A 13 -7.29 13.06 22.02
N ARG A 14 -7.32 12.23 23.05
CA ARG A 14 -8.42 12.32 24.06
C ARG A 14 -8.35 13.69 24.73
N PHE A 15 -7.16 14.13 25.13
CA PHE A 15 -7.01 15.46 25.72
C PHE A 15 -7.41 16.54 24.74
N LEU A 16 -6.94 16.41 23.49
CA LEU A 16 -7.31 17.36 22.44
C LEU A 16 -8.82 17.46 22.27
N LEU A 17 -9.54 16.34 22.40
CA LEU A 17 -10.99 16.41 22.34
C LEU A 17 -11.53 17.35 23.40
N GLY A 18 -11.01 17.27 24.63
CA GLY A 18 -11.43 18.18 25.68
C GLY A 18 -11.23 19.64 25.29
N VAL A 19 -10.05 19.95 24.75
CA VAL A 19 -9.81 21.30 24.23
C VAL A 19 -10.91 21.69 23.25
N GLN A 20 -11.23 20.80 22.31
CA GLN A 20 -12.20 21.13 21.27
C GLN A 20 -13.59 21.41 21.86
N ASN A 21 -14.05 20.57 22.80
CA ASN A 21 -15.37 20.77 23.39
C ASN A 21 -15.42 22.06 24.20
N LEU A 22 -14.35 22.35 24.96
CA LEU A 22 -14.29 23.58 25.73
C LEU A 22 -14.37 24.82 24.84
N LEU A 23 -13.81 24.76 23.63
CA LEU A 23 -13.71 25.91 22.75
C LEU A 23 -14.67 25.87 21.57
N GLY A 24 -15.56 24.88 21.48
CA GLY A 24 -16.43 24.76 20.33
C GLY A 24 -15.68 24.55 19.03
N LEU A 25 -14.77 23.59 19.00
CA LEU A 25 -13.99 23.32 17.81
C LEU A 25 -14.26 21.91 17.27
N GLY A 26 -13.98 21.74 15.99
CA GLY A 26 -14.13 20.43 15.36
C GLY A 26 -15.53 19.89 15.49
N SER A 27 -15.61 18.59 15.81
CA SER A 27 -16.91 17.94 15.98
C SER A 27 -17.81 18.75 16.91
N PHE A 28 -17.23 19.50 17.85
CA PHE A 28 -17.97 20.24 18.84
C PHE A 28 -18.31 21.66 18.39
N ALA A 29 -18.28 21.95 17.09
CA ALA A 29 -18.43 23.32 16.62
C ALA A 29 -19.90 23.72 16.58
N ASP A 30 -20.25 24.78 17.34
CA ASP A 30 -21.62 25.36 17.40
C ASP A 30 -21.56 26.85 17.06
N GLY A 31 -21.37 27.20 15.80
CA GLY A 31 -21.33 28.60 15.46
C GLY A 31 -19.91 29.04 15.20
N PRO A 32 -19.72 30.33 14.94
CA PRO A 32 -18.39 30.82 14.56
C PRO A 32 -17.31 30.42 15.56
N SER A 33 -16.15 30.02 15.04
CA SER A 33 -15.08 29.51 15.88
C SER A 33 -14.26 30.70 16.35
N LYS A 34 -14.10 30.82 17.68
CA LYS A 34 -13.32 31.91 18.27
C LYS A 34 -11.89 31.52 18.59
N HIS A 35 -11.49 30.26 18.34
CA HIS A 35 -10.19 29.76 18.80
C HIS A 35 -9.52 28.92 17.73
N GLU A 36 -8.18 28.83 17.85
CA GLU A 36 -7.35 28.02 16.97
C GLU A 36 -6.56 27.05 17.85
N LEU A 37 -6.71 25.76 17.60
CA LEU A 37 -6.02 24.73 18.37
C LEU A 37 -4.93 24.10 17.50
N THR A 38 -3.70 24.10 18.01
CA THR A 38 -2.56 23.49 17.33
C THR A 38 -2.00 22.37 18.19
N ALA A 39 -1.80 21.22 17.56
CA ALA A 39 -1.21 20.05 18.19
C ALA A 39 0.19 19.85 17.62
N VAL A 40 1.18 19.66 18.52
CA VAL A 40 2.53 19.20 18.18
C VAL A 40 2.62 17.70 18.50
N VAL A 41 2.66 16.86 17.45
CA VAL A 41 2.39 15.42 17.57
C VAL A 41 3.71 14.64 17.55
N ASN A 42 3.86 13.73 18.51
CA ASN A 42 5.01 12.83 18.56
C ASN A 42 5.17 12.05 17.26
N ILE A 43 6.40 12.00 16.76
CA ILE A 43 6.80 11.22 15.61
C ILE A 43 7.80 10.12 15.98
N GLY A 44 8.07 9.94 17.28
CA GLY A 44 9.04 8.96 17.74
C GLY A 44 8.65 7.53 17.46
N ASP A 45 7.36 7.28 17.27
CA ASP A 45 6.86 5.91 17.03
C ASP A 45 6.77 5.63 15.52
N ASP A 46 7.04 6.61 14.67
CA ASP A 46 6.84 6.39 13.27
C ASP A 46 7.79 5.31 12.74
N ALA A 47 7.30 4.50 11.82
CA ALA A 47 8.11 3.39 11.34
C ALA A 47 7.70 3.04 9.92
N TRP A 48 8.67 2.57 9.15
CA TRP A 48 8.42 1.94 7.87
C TRP A 48 8.09 0.48 8.13
N MET A 49 6.95 0.03 7.62
CA MET A 49 6.52 -1.36 7.80
C MET A 49 5.86 -1.84 6.52
N HIS A 50 6.28 -3.01 6.04
CA HIS A 50 5.78 -3.58 4.80
C HIS A 50 5.87 -2.61 3.64
N GLY A 51 6.88 -1.75 3.68
CA GLY A 51 7.08 -0.78 2.63
C GLY A 51 6.18 0.45 2.68
N VAL A 52 5.47 0.69 3.78
CA VAL A 52 4.63 1.87 3.89
C VAL A 52 4.95 2.57 5.20
N ARG A 53 4.84 3.90 5.20
CA ARG A 53 5.16 4.69 6.38
C ARG A 53 3.99 4.77 7.34
N ILE A 54 4.25 4.43 8.57
CA ILE A 54 3.22 4.44 9.64
C ILE A 54 3.50 5.59 10.62
N CYS A 55 2.52 6.46 10.84
CA CYS A 55 2.67 7.54 11.83
C CYS A 55 1.54 7.35 12.83
N PRO A 56 1.71 6.48 13.83
CA PRO A 56 0.64 6.20 14.73
C PRO A 56 0.07 7.41 15.49
N ASP A 57 0.91 8.29 16.02
CA ASP A 57 0.41 9.44 16.81
C ASP A 57 -0.33 10.43 15.93
N LEU A 58 0.26 10.82 14.83
CA LEU A 58 -0.48 11.68 13.90
C LEU A 58 -1.79 11.02 13.51
N ASP A 59 -1.77 9.73 13.14
CA ASP A 59 -2.98 9.00 12.73
C ASP A 59 -4.02 8.97 13.82
N THR A 60 -3.61 8.64 15.02
CA THR A 60 -4.60 8.46 16.06
C THR A 60 -5.34 9.76 16.36
N CYS A 61 -4.60 10.87 16.46
CA CYS A 61 -5.27 12.18 16.60
C CYS A 61 -6.13 12.45 15.41
N MET A 62 -5.57 12.25 14.21
CA MET A 62 -6.32 12.53 13.00
C MET A 62 -7.62 11.74 12.99
N TYR A 63 -7.51 10.42 13.19
CA TYR A 63 -8.71 9.57 13.23
C TYR A 63 -9.62 9.98 14.37
N THR A 64 -9.06 10.19 15.57
CA THR A 64 -9.90 10.53 16.72
C THR A 64 -10.68 11.82 16.49
N LEU A 65 -9.98 12.89 16.14
CA LEU A 65 -10.65 14.18 15.97
C LEU A 65 -11.63 14.16 14.80
N GLY A 66 -11.32 13.42 13.73
CA GLY A 66 -12.16 13.27 12.55
C GLY A 66 -13.33 12.30 12.69
N GLY A 67 -13.53 11.72 13.86
CA GLY A 67 -14.60 10.77 14.10
C GLY A 67 -14.42 9.41 13.44
N GLY A 68 -13.19 8.91 13.39
CA GLY A 68 -12.93 7.63 12.75
C GLY A 68 -12.29 6.56 13.61
N ILE A 69 -11.90 6.89 14.85
CA ILE A 69 -11.04 6.01 15.65
C ILE A 69 -11.83 4.84 16.21
N ASP A 70 -11.13 3.72 16.44
CA ASP A 70 -11.74 2.51 17.01
C ASP A 70 -11.99 2.69 18.50
N PRO A 71 -13.25 2.70 18.95
CA PRO A 71 -13.52 3.01 20.37
C PRO A 71 -12.74 2.20 21.41
N ASP A 72 -12.66 0.87 21.28
CA ASP A 72 -12.04 0.05 22.31
C ASP A 72 -10.57 -0.26 22.04
N ARG A 73 -10.11 -0.02 20.82
CA ARG A 73 -8.67 -0.23 20.50
C ARG A 73 -7.90 1.07 20.76
N GLY A 74 -8.52 2.23 20.52
CA GLY A 74 -7.83 3.51 20.66
C GLY A 74 -6.86 3.84 19.55
N TRP A 75 -6.46 2.85 18.77
CA TRP A 75 -5.58 3.07 17.59
C TRP A 75 -6.26 2.42 16.39
N GLY A 76 -6.15 2.98 15.20
CA GLY A 76 -6.73 2.39 14.00
C GLY A 76 -8.21 2.69 13.85
N HIS A 77 -8.72 2.36 12.66
CA HIS A 77 -10.12 2.62 12.23
C HIS A 77 -11.20 1.83 12.96
N ARG A 78 -12.41 2.37 12.93
CA ARG A 78 -13.65 1.71 13.42
C ARG A 78 -14.05 0.70 12.35
N ASN A 79 -14.66 -0.43 12.74
CA ASN A 79 -15.11 -1.45 11.76
C ASN A 79 -13.97 -1.84 10.83
N GLU A 80 -12.80 -2.12 11.40
CA GLU A 80 -11.61 -2.47 10.59
C GLU A 80 -11.66 -3.95 10.25
N THR A 81 -11.25 -4.27 9.03
CA THR A 81 -11.07 -5.65 8.61
C THR A 81 -9.57 -5.87 8.43
N TRP A 82 -9.17 -7.14 8.44
CA TRP A 82 -7.76 -7.50 8.43
C TRP A 82 -7.47 -8.55 7.35
N ASN A 83 -8.15 -8.47 6.22
CA ASN A 83 -7.90 -9.44 5.17
C ASN A 83 -6.54 -9.25 4.55
N ALA A 84 -6.11 -7.98 4.36
CA ALA A 84 -4.78 -7.73 3.82
C ALA A 84 -3.71 -8.29 4.76
N LYS A 85 -3.83 -8.00 6.06
CA LYS A 85 -2.97 -8.62 7.05
C LYS A 85 -2.99 -10.14 6.97
N GLU A 86 -4.19 -10.72 6.78
CA GLU A 86 -4.27 -12.17 6.69
C GLU A 86 -3.50 -12.69 5.50
N GLU A 87 -3.60 -12.00 4.36
CA GLU A 87 -2.87 -12.45 3.18
C GLU A 87 -1.36 -12.31 3.35
N LEU A 88 -0.90 -11.25 4.04
CA LEU A 88 0.52 -11.15 4.32
C LEU A 88 0.99 -12.34 5.13
N ALA A 89 0.17 -12.76 6.09
CA ALA A 89 0.48 -13.97 6.83
C ALA A 89 0.58 -15.16 5.89
N ALA A 90 -0.39 -15.32 4.99
CA ALA A 90 -0.40 -16.47 4.09
C ALA A 90 0.85 -16.50 3.20
N TYR A 91 1.34 -15.33 2.79
CA TYR A 91 2.56 -15.35 2.01
C TYR A 91 3.78 -15.66 2.87
N GLY A 92 3.62 -15.76 4.19
CA GLY A 92 4.72 -16.13 5.06
C GLY A 92 5.75 -15.02 5.23
N VAL A 93 5.33 -13.76 5.29
CA VAL A 93 6.27 -12.65 5.33
C VAL A 93 6.30 -12.00 6.71
N GLN A 94 7.29 -11.14 6.89
CA GLN A 94 7.61 -10.55 8.18
C GLN A 94 7.66 -9.04 8.03
N PRO A 95 7.21 -8.29 9.04
CA PRO A 95 6.81 -8.80 10.34
C PRO A 95 5.34 -9.19 10.43
N ASP A 96 5.07 -10.36 10.99
CA ASP A 96 3.70 -10.82 11.14
C ASP A 96 3.05 -10.34 12.43
N TRP A 97 3.76 -9.52 13.20
CA TRP A 97 3.28 -9.09 14.54
C TRP A 97 2.64 -7.71 14.52
N PHE A 98 2.65 -7.05 13.37
CA PHE A 98 2.13 -5.67 13.26
C PHE A 98 0.88 -5.59 12.40
N GLY A 99 -0.20 -5.15 13.03
CA GLY A 99 -1.53 -5.08 12.41
C GLY A 99 -1.79 -3.92 11.49
N LEU A 100 -1.68 -4.17 10.19
CA LEU A 100 -2.04 -3.21 9.15
C LEU A 100 -3.49 -3.50 8.75
N GLY A 101 -4.43 -2.72 9.28
CA GLY A 101 -5.85 -2.86 8.93
C GLY A 101 -6.12 -2.46 7.49
N ASP A 102 -7.12 -3.05 6.87
CA ASP A 102 -7.43 -2.75 5.44
C ASP A 102 -7.82 -1.28 5.28
N ARG A 103 -8.69 -0.77 6.14
CA ARG A 103 -9.12 0.66 6.04
C ARG A 103 -7.91 1.55 6.32
N ASP A 104 -7.17 1.20 7.37
CA ASP A 104 -5.99 1.94 7.87
C ASP A 104 -4.89 2.00 6.81
N LEU A 105 -4.74 0.93 6.02
CA LEU A 105 -3.72 0.79 4.96
C LEU A 105 -3.85 1.91 3.93
N ALA A 106 -5.07 2.35 3.60
CA ALA A 106 -5.28 3.43 2.61
C ALA A 106 -4.54 4.69 3.08
N THR A 107 -4.61 5.04 4.36
CA THR A 107 -3.87 6.21 4.87
C THR A 107 -2.39 5.99 4.54
N HIS A 108 -1.84 4.87 5.00
CA HIS A 108 -0.44 4.48 4.78
C HIS A 108 -0.08 4.53 3.31
N LEU A 109 -0.94 4.04 2.43
CA LEU A 109 -0.62 4.07 1.00
C LEU A 109 -0.54 5.50 0.48
N VAL A 110 -1.54 6.35 0.82
CA VAL A 110 -1.52 7.73 0.35
C VAL A 110 -0.30 8.44 0.91
N ARG A 111 -0.06 8.27 2.22
CA ARG A 111 1.09 8.90 2.84
C ARG A 111 2.40 8.43 2.20
N SER A 112 2.57 7.12 2.05
CA SER A 112 3.84 6.62 1.52
C SER A 112 4.09 7.13 0.12
N GLN A 113 3.04 7.15 -0.72
CA GLN A 113 3.25 7.59 -2.09
C GLN A 113 3.63 9.06 -2.16
N MET A 114 3.06 9.88 -1.28
CA MET A 114 3.33 11.32 -1.35
C MET A 114 4.76 11.61 -0.87
N LEU A 115 5.17 11.01 0.25
CA LEU A 115 6.54 11.19 0.74
C LEU A 115 7.58 10.75 -0.28
N ARG A 116 7.32 9.63 -0.95
CA ARG A 116 8.23 9.12 -1.97
C ARG A 116 8.31 10.06 -3.16
N ALA A 117 7.29 10.88 -3.37
CA ALA A 117 7.32 11.86 -4.44
C ALA A 117 7.82 13.22 -3.97
N GLY A 118 8.39 13.31 -2.77
CA GLY A 118 9.03 14.52 -2.28
C GLY A 118 8.17 15.39 -1.38
N TYR A 119 6.92 15.05 -1.14
CA TYR A 119 6.10 15.87 -0.28
C TYR A 119 6.57 15.69 1.16
N PRO A 120 6.82 16.78 1.90
CA PRO A 120 7.15 16.64 3.32
C PRO A 120 5.96 16.19 4.15
N LEU A 121 6.26 15.57 5.29
CA LEU A 121 5.20 14.97 6.10
C LEU A 121 4.13 16.00 6.46
N SER A 122 4.54 17.20 6.84
CA SER A 122 3.59 18.25 7.21
C SER A 122 2.53 18.44 6.13
N GLN A 123 2.94 18.43 4.86
CA GLN A 123 1.99 18.58 3.76
C GLN A 123 1.14 17.31 3.55
N VAL A 124 1.74 16.13 3.65
CA VAL A 124 0.94 14.91 3.64
C VAL A 124 -0.15 14.98 4.71
N THR A 125 0.24 15.35 5.92
CA THR A 125 -0.70 15.41 7.04
C THR A 125 -1.86 16.37 6.75
N GLU A 126 -1.56 17.58 6.28
CA GLU A 126 -2.61 18.54 5.96
C GLU A 126 -3.51 17.99 4.86
N ALA A 127 -2.92 17.32 3.89
CA ALA A 127 -3.69 16.73 2.81
C ALA A 127 -4.65 15.67 3.33
N LEU A 128 -4.13 14.77 4.16
CA LEU A 128 -4.97 13.72 4.74
C LEU A 128 -6.08 14.33 5.59
N CYS A 129 -5.79 15.46 6.26
CA CYS A 129 -6.74 16.06 7.18
C CYS A 129 -7.85 16.82 6.45
N LYS A 130 -7.68 17.11 5.16
CA LYS A 130 -8.78 17.63 4.37
C LYS A 130 -9.93 16.64 4.32
N ARG A 131 -9.65 15.34 4.34
CA ARG A 131 -10.73 14.37 4.36
C ARG A 131 -11.35 14.25 5.76
N TRP A 132 -10.52 14.27 6.81
CA TRP A 132 -11.04 14.03 8.16
C TRP A 132 -11.55 15.30 8.84
N GLN A 133 -11.08 16.47 8.43
CA GLN A 133 -11.53 17.74 9.01
C GLN A 133 -11.42 17.65 10.54
N PRO A 134 -10.23 17.45 11.09
CA PRO A 134 -10.11 17.29 12.55
C PRO A 134 -10.49 18.53 13.34
N GLY A 135 -10.51 19.72 12.73
CA GLY A 135 -10.80 20.90 13.51
C GLY A 135 -9.67 21.31 14.40
N ALA A 136 -8.46 20.84 14.10
CA ALA A 136 -7.24 21.20 14.79
C ALA A 136 -6.11 21.11 13.78
N ARG A 137 -5.05 21.87 14.02
CA ARG A 137 -3.86 21.80 13.18
C ARG A 137 -2.92 20.74 13.78
N LEU A 138 -2.70 19.65 13.05
CA LEU A 138 -1.90 18.52 13.49
C LEU A 138 -0.51 18.69 12.88
N LEU A 139 0.44 19.19 13.69
CA LEU A 139 1.80 19.43 13.27
C LEU A 139 2.70 18.27 13.67
N PRO A 140 3.36 17.60 12.74
CA PRO A 140 4.39 16.64 13.15
C PRO A 140 5.53 17.39 13.84
N ALA A 141 6.05 16.81 14.93
CA ALA A 141 7.18 17.46 15.60
C ALA A 141 8.28 17.79 14.61
N SER A 142 8.42 16.97 13.57
CA SER A 142 9.44 17.20 12.56
C SER A 142 9.01 16.53 11.26
N ASP A 143 9.41 17.14 10.16
CA ASP A 143 9.32 16.51 8.86
C ASP A 143 10.44 15.51 8.62
N GLU A 144 11.48 15.50 9.46
CA GLU A 144 12.58 14.57 9.31
C GLU A 144 12.40 13.37 10.24
N ARG A 145 13.23 12.36 10.04
CA ARG A 145 13.13 11.14 10.83
C ARG A 145 13.67 11.36 12.24
N SER A 146 12.91 10.89 13.22
CA SER A 146 13.34 10.91 14.62
C SER A 146 12.56 9.78 15.28
N GLU A 147 13.17 8.60 15.37
CA GLU A 147 12.49 7.39 15.81
C GLU A 147 13.07 6.88 17.12
N THR A 148 12.19 6.66 18.10
CA THR A 148 12.60 6.08 19.37
C THR A 148 13.08 4.63 19.18
N HIS A 149 14.28 4.35 19.66
CA HIS A 149 14.81 2.98 19.68
C HIS A 149 14.93 2.53 21.12
N VAL A 150 14.91 1.20 21.30
CA VAL A 150 14.90 0.59 22.63
C VAL A 150 16.04 -0.41 22.74
N VAL A 151 16.88 -0.25 23.77
CA VAL A 151 17.97 -1.19 24.01
C VAL A 151 17.47 -2.26 24.98
N ILE A 152 17.35 -3.50 24.49
CA ILE A 152 16.83 -4.62 25.25
C ILE A 152 17.92 -5.67 25.44
N THR A 153 17.66 -6.64 26.33
CA THR A 153 18.27 -7.96 26.27
C THR A 153 17.36 -8.83 25.42
N ASP A 154 17.84 -9.26 24.27
CA ASP A 154 17.03 -10.06 23.35
C ASP A 154 16.78 -11.45 23.95
N PRO A 155 15.53 -11.92 23.98
CA PRO A 155 15.23 -13.25 24.56
C PRO A 155 15.65 -14.44 23.69
N THR A 156 15.91 -14.23 22.40
CA THR A 156 16.39 -15.33 21.56
C THR A 156 17.78 -15.81 22.00
N ASP A 157 18.71 -14.87 22.20
CA ASP A 157 20.12 -15.18 22.34
C ASP A 157 20.77 -14.65 23.61
N GLY A 158 20.06 -13.84 24.41
CA GLY A 158 20.63 -13.20 25.59
C GLY A 158 21.54 -12.04 25.28
N GLU A 159 21.59 -11.61 24.01
CA GLU A 159 22.45 -10.51 23.57
C GLU A 159 21.75 -9.16 23.73
N ARG A 160 22.55 -8.12 24.00
CA ARG A 160 22.04 -6.77 23.88
C ARG A 160 21.75 -6.44 22.43
N ARG A 161 20.56 -5.94 22.16
CA ARG A 161 20.14 -5.48 20.85
C ARG A 161 19.36 -4.18 21.02
N ALA A 162 19.43 -3.34 20.00
CA ALA A 162 18.54 -2.21 19.85
C ALA A 162 17.38 -2.60 18.93
N ILE A 163 16.14 -2.33 19.36
CA ILE A 163 14.97 -2.50 18.50
C ILE A 163 14.20 -1.18 18.40
N HIS A 164 13.56 -1.01 17.26
CA HIS A 164 12.59 0.06 17.07
C HIS A 164 11.48 -0.01 18.12
N PHE A 165 11.02 1.13 18.61
CA PHE A 165 9.87 1.27 19.54
C PHE A 165 8.71 0.31 19.21
N GLN A 166 8.27 0.25 17.96
CA GLN A 166 7.17 -0.60 17.46
C GLN A 166 7.40 -2.06 17.88
N GLU A 167 8.61 -2.57 17.69
CA GLU A 167 8.89 -3.94 18.09
C GLU A 167 8.89 -4.05 19.62
N TRP A 168 9.43 -3.05 20.30
CA TRP A 168 9.40 -3.10 21.76
C TRP A 168 7.97 -3.12 22.24
N TRP A 169 7.18 -2.19 21.72
CA TRP A 169 5.79 -2.04 22.18
C TRP A 169 4.84 -3.10 21.63
N VAL A 170 4.84 -3.28 20.34
CA VAL A 170 3.83 -4.20 19.76
C VAL A 170 4.28 -5.65 19.89
N ARG A 171 5.52 -5.95 19.59
CA ARG A 171 5.89 -7.37 19.56
C ARG A 171 6.07 -7.89 20.99
N TYR A 172 6.87 -7.22 21.80
CA TYR A 172 7.26 -7.69 23.12
C TYR A 172 6.39 -7.09 24.22
N ARG A 173 5.57 -6.12 23.90
CA ARG A 173 4.71 -5.48 24.91
C ARG A 173 5.49 -5.01 26.12
N ALA A 174 6.74 -4.53 25.91
CA ALA A 174 7.55 -3.96 27.00
C ALA A 174 7.85 -4.97 28.09
N LYS A 175 7.84 -6.28 27.75
CA LYS A 175 8.05 -7.32 28.75
C LYS A 175 9.43 -7.94 28.66
N VAL A 176 10.20 -7.58 27.64
CA VAL A 176 11.60 -7.96 27.51
C VAL A 176 12.41 -7.10 28.47
N PRO A 177 13.53 -7.59 29.00
CA PRO A 177 14.36 -6.70 29.83
C PRO A 177 14.80 -5.50 29.00
N THR A 178 14.54 -4.30 29.54
CA THR A 178 14.81 -3.06 28.81
C THR A 178 15.77 -2.16 29.57
N HIS A 179 16.75 -1.63 28.83
CA HIS A 179 17.89 -0.94 29.41
C HIS A 179 17.93 0.56 29.15
N SER A 180 17.59 1.03 27.95
CA SER A 180 17.56 2.47 27.68
C SER A 180 16.76 2.77 26.42
N PHE A 181 16.48 4.06 26.22
CA PHE A 181 15.93 4.59 24.98
C PHE A 181 16.97 5.45 24.28
N ALA A 182 16.99 5.39 22.96
CA ALA A 182 17.79 6.27 22.13
C ALA A 182 16.87 7.01 21.16
N TYR A 183 17.10 8.30 21.00
CA TYR A 183 16.29 9.13 20.13
C TYR A 183 17.12 9.32 18.88
N VAL A 184 17.10 8.27 18.06
CA VAL A 184 17.97 8.18 16.89
C VAL A 184 17.42 9.13 15.83
N GLY A 185 18.20 10.16 15.50
CA GLY A 185 17.85 11.18 14.54
C GLY A 185 17.37 12.52 15.12
N ALA A 186 16.97 12.55 16.39
CA ALA A 186 16.45 13.80 16.97
C ALA A 186 17.41 14.97 16.78
N ASP A 187 18.69 14.81 17.16
CA ASP A 187 19.66 15.91 17.03
C ASP A 187 19.82 16.36 15.58
N GLN A 188 19.59 15.48 14.62
CA GLN A 188 19.64 15.86 13.22
C GLN A 188 18.28 16.30 12.67
N ALA A 189 17.23 16.33 13.48
CA ALA A 189 15.91 16.67 12.94
C ALA A 189 15.60 18.13 13.22
N THR A 190 14.98 18.78 12.26
CA THR A 190 14.62 20.18 12.42
C THR A 190 13.16 20.24 12.85
N ALA A 191 12.86 21.20 13.72
CA ALA A 191 11.48 21.39 14.14
C ALA A 191 10.61 21.62 12.91
N GLY A 192 9.47 20.94 12.85
CA GLY A 192 8.61 21.01 11.69
C GLY A 192 8.04 22.39 11.42
N PRO A 193 7.55 22.60 10.20
CA PRO A 193 7.01 23.92 9.84
C PRO A 193 5.88 24.34 10.78
N GLY A 194 6.00 25.54 11.32
CA GLY A 194 5.00 26.11 12.19
C GLY A 194 5.10 25.68 13.64
N VAL A 195 6.00 24.75 13.97
CA VAL A 195 6.00 24.18 15.32
C VAL A 195 6.58 25.21 16.30
N VAL A 196 7.74 25.79 15.97
CA VAL A 196 8.34 26.80 16.84
C VAL A 196 7.42 28.01 16.94
N GLU A 197 6.82 28.40 15.81
CA GLU A 197 5.91 29.54 15.79
C GLU A 197 4.67 29.28 16.64
N ALA A 198 4.08 28.10 16.49
CA ALA A 198 2.88 27.76 17.28
C ALA A 198 3.20 27.84 18.76
N ILE A 199 4.41 27.42 19.15
CA ILE A 199 4.87 27.49 20.56
C ILE A 199 5.05 28.95 20.99
N GLY A 200 5.64 29.77 20.12
CA GLY A 200 5.87 31.21 20.38
C GLY A 200 4.62 32.08 20.40
N ASP A 201 3.71 31.90 19.44
CA ASP A 201 2.52 32.78 19.31
C ASP A 201 1.35 32.27 20.15
N ALA A 202 1.54 31.17 20.86
CA ALA A 202 0.43 30.62 21.66
C ALA A 202 0.06 31.52 22.84
N ASP A 203 -1.22 31.58 23.16
CA ASP A 203 -1.65 32.26 24.41
C ASP A 203 -1.19 31.37 25.56
N ILE A 204 -1.32 30.06 25.38
CA ILE A 204 -0.92 29.04 26.39
C ILE A 204 -0.40 27.79 25.67
N VAL A 205 0.54 27.08 26.31
CA VAL A 205 1.07 25.81 25.76
C VAL A 205 0.72 24.72 26.78
N LEU A 206 0.09 23.64 26.31
CA LEU A 206 -0.30 22.58 27.26
C LEU A 206 0.40 21.26 26.89
N LEU A 207 0.98 20.60 27.89
CA LEU A 207 1.51 19.25 27.72
C LEU A 207 0.42 18.26 28.08
N ALA A 208 -0.10 17.56 27.08
CA ALA A 208 -1.12 16.55 27.33
C ALA A 208 -0.57 15.53 28.32
N PRO A 209 -1.44 14.88 29.09
CA PRO A 209 -0.96 13.84 30.02
C PRO A 209 -0.56 12.57 29.28
N SER A 210 0.11 12.72 28.13
CA SER A 210 0.54 11.60 27.33
C SER A 210 1.74 10.92 28.01
N ASN A 211 2.23 9.84 27.39
CA ASN A 211 3.38 9.13 27.92
C ASN A 211 4.60 10.04 28.01
N PRO A 212 5.19 10.24 29.20
CA PRO A 212 6.28 11.23 29.32
C PRO A 212 7.59 10.82 28.67
N VAL A 213 7.93 9.53 28.72
CA VAL A 213 9.21 9.13 28.14
C VAL A 213 9.09 8.95 26.63
N VAL A 214 8.02 8.31 26.15
CA VAL A 214 7.98 7.88 24.75
C VAL A 214 6.96 8.65 23.92
N SER A 215 6.24 9.61 24.51
CA SER A 215 5.29 10.40 23.77
C SER A 215 5.65 11.89 23.82
N ILE A 216 5.68 12.50 25.01
CA ILE A 216 6.10 13.89 25.10
C ILE A 216 7.62 14.01 24.96
N GLY A 217 8.36 13.14 25.67
CA GLY A 217 9.81 13.19 25.69
C GLY A 217 10.43 13.33 24.32
N PRO A 218 10.07 12.44 23.38
CA PRO A 218 10.72 12.48 22.05
C PRO A 218 10.46 13.77 21.29
N ILE A 219 9.30 14.42 21.50
CA ILE A 219 9.10 15.77 21.00
C ILE A 219 10.16 16.71 21.57
N LEU A 220 10.37 16.65 22.89
CA LEU A 220 11.30 17.54 23.58
C LEU A 220 12.75 17.28 23.17
N GLN A 221 13.01 16.13 22.53
CA GLN A 221 14.33 15.78 22.03
C GLN A 221 14.66 16.44 20.69
N ILE A 222 13.69 17.03 20.00
CA ILE A 222 13.94 17.78 18.76
C ILE A 222 14.55 19.13 19.15
N PRO A 223 15.77 19.44 18.70
CA PRO A 223 16.47 20.62 19.24
C PRO A 223 15.65 21.91 19.24
N GLY A 224 15.02 22.28 18.12
CA GLY A 224 14.27 23.52 18.09
C GLY A 224 13.12 23.59 19.10
N ILE A 225 12.45 22.46 19.34
CA ILE A 225 11.23 22.49 20.13
C ILE A 225 11.51 22.90 21.58
N ARG A 226 12.48 22.25 22.24
CA ARG A 226 12.70 22.57 23.65
C ARG A 226 13.00 24.04 23.88
N GLY A 227 13.81 24.65 23.01
CA GLY A 227 14.09 26.08 23.13
C GLY A 227 12.84 26.94 23.05
N ALA A 228 11.98 26.63 22.07
CA ALA A 228 10.71 27.37 21.89
C ALA A 228 9.94 27.37 23.21
N LEU A 229 9.84 26.22 23.86
CA LEU A 229 9.13 26.14 25.16
C LEU A 229 9.79 27.07 26.18
N ARG A 230 11.11 27.01 26.31
CA ARG A 230 11.87 27.86 27.28
C ARG A 230 11.79 29.33 26.89
N SER A 231 11.92 29.64 25.61
CA SER A 231 11.95 31.03 25.10
C SER A 231 10.56 31.61 24.81
N THR A 232 9.48 30.83 24.96
CA THR A 232 8.14 31.38 24.62
C THR A 232 7.62 32.32 25.70
N SER A 233 6.66 33.18 25.36
CA SER A 233 6.05 34.07 26.37
C SER A 233 4.77 33.44 26.94
N ALA A 234 4.30 32.36 26.32
CA ALA A 234 3.07 31.70 26.80
C ALA A 234 3.39 30.81 28.00
N PRO A 235 2.51 30.76 29.03
CA PRO A 235 2.72 29.87 30.16
C PRO A 235 2.67 28.41 29.69
N VAL A 236 3.51 27.55 30.27
CA VAL A 236 3.54 26.09 29.92
C VAL A 236 2.88 25.33 31.07
N ILE A 237 1.76 24.65 30.82
CA ILE A 237 1.07 23.89 31.89
C ILE A 237 1.14 22.40 31.57
N GLY A 238 1.65 21.61 32.51
CA GLY A 238 1.79 20.16 32.27
C GLY A 238 0.77 19.37 33.07
N TYR A 239 0.34 18.25 32.51
CA TYR A 239 -0.64 17.36 33.17
C TYR A 239 0.09 16.05 33.49
N SER A 240 0.08 15.65 34.77
CA SER A 240 0.75 14.39 35.14
C SER A 240 0.00 13.22 34.47
N PRO A 241 0.73 12.27 33.85
CA PRO A 241 0.11 11.12 33.22
C PRO A 241 -0.07 9.98 34.23
N ILE A 242 0.44 10.19 35.45
CA ILE A 242 0.38 9.18 36.55
C ILE A 242 -0.73 9.54 37.53
N ILE A 243 -1.75 8.68 37.62
CA ILE A 243 -2.83 8.82 38.59
C ILE A 243 -2.50 7.77 39.64
N ALA A 244 -1.63 8.17 40.58
CA ALA A 244 -1.09 7.33 41.67
C ALA A 244 -2.15 6.41 42.27
N GLY A 245 -1.86 5.10 42.25
CA GLY A 245 -2.73 4.05 42.81
C GLY A 245 -3.74 3.55 41.80
N LYS A 246 -3.82 4.16 40.63
CA LYS A 246 -4.79 3.67 39.62
C LYS A 246 -4.06 3.34 38.32
N PRO A 247 -4.00 2.05 37.91
CA PRO A 247 -3.37 1.68 36.65
C PRO A 247 -4.14 2.34 35.50
N LEU A 248 -3.41 2.81 34.49
CA LEU A 248 -4.05 3.49 33.33
C LEU A 248 -3.54 2.87 32.04
N ARG A 249 -4.28 3.10 30.95
CA ARG A 249 -3.97 2.58 29.60
C ARG A 249 -2.52 2.91 29.21
N GLY A 250 -1.82 1.94 28.62
CA GLY A 250 -0.45 2.12 28.13
C GLY A 250 0.60 1.63 29.10
N MET A 251 1.88 1.84 28.77
CA MET A 251 3.01 1.37 29.60
C MET A 251 3.89 2.55 30.07
N ALA A 252 3.25 3.57 30.64
CA ALA A 252 3.96 4.76 31.16
C ALA A 252 4.87 4.37 32.33
N ASP A 253 4.37 3.51 33.21
CA ASP A 253 5.15 3.08 34.41
C ASP A 253 6.40 2.33 33.92
N GLU A 254 6.25 1.47 32.92
CA GLU A 254 7.40 0.70 32.41
C GLU A 254 8.45 1.66 31.82
N CYS A 255 7.99 2.65 31.04
CA CYS A 255 8.91 3.62 30.40
C CYS A 255 9.60 4.49 31.45
N LEU A 256 8.88 4.88 32.50
CA LEU A 256 9.46 5.70 33.58
C LEU A 256 10.54 4.90 34.31
N LYS A 257 10.29 3.61 34.52
CA LYS A 257 11.26 2.74 35.24
C LYS A 257 12.57 2.64 34.46
N VAL A 258 12.52 2.61 33.13
CA VAL A 258 13.76 2.47 32.37
C VAL A 258 14.67 3.67 32.60
N ILE A 259 14.11 4.87 32.67
CA ILE A 259 14.96 6.05 32.83
C ILE A 259 15.10 6.34 34.33
N GLY A 260 14.76 5.34 35.14
CA GLY A 260 14.95 5.42 36.58
C GLY A 260 14.22 6.56 37.26
N VAL A 261 12.98 6.83 36.88
CA VAL A 261 12.14 7.88 37.43
C VAL A 261 10.94 7.22 38.11
N GLU A 262 10.70 7.56 39.38
CA GLU A 262 9.56 6.96 40.07
C GLU A 262 8.25 7.36 39.41
N SER A 263 7.32 6.43 39.44
CA SER A 263 5.97 6.56 38.83
C SER A 263 5.08 7.41 39.73
N THR A 264 5.53 8.62 40.07
CA THR A 264 4.72 9.54 40.90
C THR A 264 4.61 10.86 40.15
N SER A 265 3.52 11.60 40.39
CA SER A 265 3.29 12.91 39.72
C SER A 265 4.40 13.88 40.06
N GLN A 266 4.86 13.89 41.31
CA GLN A 266 5.97 14.82 41.63
C GLN A 266 7.20 14.45 40.79
N ALA A 267 7.51 13.16 40.66
CA ALA A 267 8.71 12.73 39.91
C ALA A 267 8.61 13.10 38.42
N VAL A 268 7.44 12.88 37.80
CA VAL A 268 7.25 13.24 36.36
C VAL A 268 7.38 14.75 36.22
N GLY A 269 6.80 15.50 37.17
CA GLY A 269 6.93 16.96 37.17
C GLY A 269 8.39 17.34 37.19
N GLU A 270 9.14 16.74 38.09
CA GLU A 270 10.56 17.05 38.13
C GLU A 270 11.29 16.54 36.90
N PHE A 271 10.77 15.47 36.28
CA PHE A 271 11.33 15.03 35.01
C PHE A 271 11.33 16.18 34.02
N PHE A 272 10.17 16.83 33.85
CA PHE A 272 10.04 17.98 32.95
C PHE A 272 10.66 19.24 33.55
N GLY A 273 10.60 19.34 34.88
CA GLY A 273 11.30 20.43 35.58
C GLY A 273 10.59 21.76 35.56
N ALA A 274 11.25 22.77 36.14
CA ALA A 274 10.67 24.12 36.27
C ALA A 274 11.38 25.11 35.36
N ARG A 275 10.61 25.98 34.71
CA ARG A 275 11.13 27.03 33.79
C ARG A 275 12.03 28.03 34.53
N ALA A 276 11.81 28.23 35.84
CA ALA A 276 12.67 29.10 36.68
C ALA A 276 14.12 28.60 36.61
N GLY A 277 14.34 27.28 36.69
CA GLY A 277 15.70 26.71 36.63
C GLY A 277 16.08 26.24 35.24
N THR A 278 16.25 24.92 35.07
CA THR A 278 16.59 24.32 33.79
C THR A 278 15.39 23.67 33.10
N GLY A 279 14.24 23.61 33.77
CA GLY A 279 13.06 22.85 33.29
C GLY A 279 12.19 23.54 32.25
N LEU A 280 10.98 23.01 32.07
CA LEU A 280 10.01 23.48 31.05
C LEU A 280 8.66 23.91 31.62
N LEU A 281 8.34 23.57 32.87
CA LEU A 281 6.96 23.84 33.35
C LEU A 281 6.84 25.13 34.16
N ASP A 282 5.71 25.82 33.99
CA ASP A 282 5.32 27.00 34.80
C ASP A 282 4.35 26.44 35.85
N GLY A 283 3.45 25.57 35.40
CA GLY A 283 2.45 24.89 36.25
C GLY A 283 2.45 23.40 36.00
N TRP A 284 1.83 22.63 36.89
CA TRP A 284 1.79 21.15 36.79
C TRP A 284 0.57 20.65 37.54
N LEU A 285 -0.42 20.14 36.82
CA LEU A 285 -1.67 19.67 37.48
C LEU A 285 -1.57 18.18 37.79
N VAL A 286 -2.13 17.76 38.92
CA VAL A 286 -2.14 16.32 39.33
C VAL A 286 -3.57 15.95 39.75
N HIS A 287 -3.86 14.66 39.86
CA HIS A 287 -5.21 14.17 40.26
C HIS A 287 -5.49 14.56 41.72
N GLU A 288 -6.75 14.87 42.03
CA GLU A 288 -7.13 15.30 43.39
C GLU A 288 -6.71 14.22 44.37
N GLY A 289 -6.12 14.62 45.51
CA GLY A 289 -5.64 13.66 46.52
C GLY A 289 -4.16 13.32 46.33
N ASP A 290 -3.48 14.03 45.44
CA ASP A 290 -2.04 13.79 45.19
C ASP A 290 -1.26 15.03 45.62
N HIS A 291 -0.18 14.84 46.37
CA HIS A 291 0.64 15.98 46.85
C HIS A 291 1.95 16.05 46.03
N ALA A 292 2.33 17.24 45.55
CA ALA A 292 3.54 17.36 44.76
C ALA A 292 4.23 18.68 45.02
N GLN A 293 5.54 18.59 45.19
CA GLN A 293 6.44 19.71 45.44
C GLN A 293 7.30 19.93 44.20
N ILE A 294 7.23 21.12 43.62
CA ILE A 294 8.20 21.48 42.60
C ILE A 294 8.56 22.94 42.73
N GLU A 295 9.80 23.22 43.14
CA GLU A 295 10.28 24.58 43.31
C GLU A 295 10.26 25.33 41.98
N GLY A 296 9.50 26.42 41.92
CA GLY A 296 9.34 27.19 40.69
C GLY A 296 8.09 26.85 39.93
N VAL A 297 7.33 25.85 40.36
CA VAL A 297 6.18 25.34 39.62
C VAL A 297 4.96 25.43 40.51
N LYS A 298 3.88 26.02 39.98
CA LYS A 298 2.60 26.07 40.69
C LYS A 298 1.86 24.78 40.41
N VAL A 299 1.60 24.02 41.47
CA VAL A 299 1.01 22.70 41.36
C VAL A 299 -0.38 22.76 41.98
N LYS A 300 -1.36 22.20 41.28
CA LYS A 300 -2.74 22.23 41.81
C LYS A 300 -3.40 20.88 41.60
N ALA A 301 -3.87 20.26 42.68
CA ALA A 301 -4.58 18.96 42.55
C ALA A 301 -5.98 19.28 42.03
N VAL A 302 -6.35 18.67 40.90
CA VAL A 302 -7.66 18.84 40.22
C VAL A 302 -8.10 17.47 39.70
N PRO A 303 -9.37 17.26 39.27
CA PRO A 303 -9.74 15.95 38.73
C PRO A 303 -8.91 15.77 37.44
N LEU A 304 -8.37 14.56 37.21
CA LEU A 304 -7.51 14.38 36.02
C LEU A 304 -7.89 13.16 35.20
N LEU A 305 -9.16 12.77 35.18
CA LEU A 305 -9.60 11.63 34.38
C LEU A 305 -10.24 12.12 33.08
N MET A 306 -9.82 11.53 31.96
CA MET A 306 -10.38 11.87 30.65
C MET A 306 -11.54 10.93 30.33
N THR A 307 -12.53 10.92 31.22
CA THR A 307 -13.64 9.99 31.10
C THR A 307 -14.55 10.34 29.92
N ASP A 308 -14.65 11.62 29.60
CA ASP A 308 -15.41 12.04 28.43
C ASP A 308 -14.95 13.42 28.03
N PRO A 309 -15.31 13.88 26.84
CA PRO A 309 -14.94 15.26 26.44
C PRO A 309 -15.40 16.32 27.42
N GLU A 310 -16.56 16.16 28.07
CA GLU A 310 -16.98 17.17 29.03
C GLU A 310 -16.04 17.17 30.25
N ALA A 311 -15.70 16.00 30.77
CA ALA A 311 -14.80 15.94 31.92
C ALA A 311 -13.41 16.45 31.57
N THR A 312 -12.92 16.10 30.38
CA THR A 312 -11.63 16.62 29.94
C THR A 312 -11.70 18.12 29.73
N ALA A 313 -12.81 18.62 29.18
CA ALA A 313 -12.95 20.07 28.98
C ALA A 313 -12.68 20.81 30.27
N ALA A 314 -13.19 20.29 31.40
CA ALA A 314 -12.90 20.90 32.69
C ALA A 314 -11.41 20.86 32.96
N MET A 315 -10.75 19.73 32.66
CA MET A 315 -9.32 19.65 32.90
C MET A 315 -8.58 20.74 32.14
N VAL A 316 -8.95 20.97 30.88
CA VAL A 316 -8.32 22.04 30.12
C VAL A 316 -8.55 23.38 30.80
N ARG A 317 -9.78 23.63 31.26
CA ARG A 317 -10.09 24.89 31.93
C ARG A 317 -9.20 25.09 33.15
N ALA A 318 -8.91 24.01 33.87
CA ALA A 318 -8.09 24.13 35.07
C ALA A 318 -6.66 24.54 34.74
N GLY A 319 -6.19 24.21 33.53
CA GLY A 319 -4.87 24.69 33.14
C GLY A 319 -4.88 26.17 32.82
N LEU A 320 -5.84 26.60 32.01
CA LEU A 320 -5.99 28.03 31.73
C LEU A 320 -6.06 28.82 33.03
N ASP A 321 -6.84 28.31 33.98
CA ASP A 321 -7.03 29.02 35.24
C ASP A 321 -5.74 29.08 36.05
N LEU A 322 -5.01 27.96 36.11
CA LEU A 322 -3.76 27.96 36.86
C LEU A 322 -2.73 28.86 36.18
N ALA A 323 -2.72 28.87 34.84
CA ALA A 323 -1.82 29.76 34.13
C ALA A 323 -2.22 31.21 34.30
N GLY A 324 -3.48 31.47 34.64
CA GLY A 324 -3.99 32.82 34.66
C GLY A 324 -4.31 33.34 33.28
N VAL A 325 -4.89 32.49 32.42
CA VAL A 325 -5.14 32.79 31.02
C VAL A 325 -6.64 32.75 30.77
N SER A 326 -7.13 33.70 29.97
CA SER A 326 -8.55 33.70 29.56
C SER A 326 -8.70 33.71 28.04
N MET B 1 8.76 -32.19 -24.41
CA MET B 1 8.07 -32.08 -23.12
C MET B 1 8.12 -30.63 -22.63
N LYS B 2 8.39 -29.71 -23.56
CA LYS B 2 8.53 -28.29 -23.29
C LYS B 2 7.56 -27.53 -24.19
N ILE B 3 6.59 -26.87 -23.58
CA ILE B 3 5.62 -26.03 -24.30
C ILE B 3 5.66 -24.64 -23.69
N THR B 4 5.76 -23.63 -24.54
CA THR B 4 5.74 -22.23 -24.11
C THR B 4 4.58 -21.50 -24.79
N VAL B 5 3.83 -20.73 -24.01
CA VAL B 5 2.65 -20.02 -24.47
C VAL B 5 2.81 -18.53 -24.13
N LEU B 6 2.62 -17.66 -25.12
CA LEU B 6 2.55 -16.22 -24.87
C LEU B 6 1.13 -15.89 -24.44
N VAL B 7 0.99 -15.16 -23.33
CA VAL B 7 -0.32 -14.93 -22.74
C VAL B 7 -0.47 -13.51 -22.20
N GLY B 8 -1.72 -13.05 -22.16
CA GLY B 8 -2.12 -11.88 -21.41
C GLY B 8 -3.57 -12.00 -21.01
N GLY B 9 -3.92 -11.52 -19.81
CA GLY B 9 -5.31 -11.46 -19.38
C GLY B 9 -5.95 -12.76 -18.91
N VAL B 10 -7.24 -12.63 -18.58
CA VAL B 10 -8.06 -13.74 -18.11
C VAL B 10 -8.07 -14.90 -19.11
N GLY B 11 -8.18 -14.59 -20.40
CA GLY B 11 -8.24 -15.64 -21.39
C GLY B 11 -6.95 -16.44 -21.44
N GLY B 12 -5.82 -15.75 -21.24
CA GLY B 12 -4.54 -16.46 -21.17
C GLY B 12 -4.48 -17.42 -20.00
N ALA B 13 -4.93 -16.98 -18.82
CA ALA B 13 -4.94 -17.88 -17.67
C ALA B 13 -5.81 -19.12 -17.95
N ARG B 14 -6.97 -18.92 -18.59
CA ARG B 14 -7.86 -20.01 -18.93
C ARG B 14 -7.24 -20.95 -19.95
N PHE B 15 -6.55 -20.40 -20.95
CA PHE B 15 -5.86 -21.25 -21.91
C PHE B 15 -4.77 -22.08 -21.22
N LEU B 16 -3.97 -21.46 -20.35
CA LEU B 16 -2.96 -22.23 -19.60
C LEU B 16 -3.59 -23.34 -18.78
N LEU B 17 -4.75 -23.07 -18.17
CA LEU B 17 -5.41 -24.13 -17.43
C LEU B 17 -5.63 -25.34 -18.32
N GLY B 18 -6.09 -25.11 -19.55
CA GLY B 18 -6.25 -26.21 -20.51
C GLY B 18 -4.95 -26.94 -20.78
N VAL B 19 -3.87 -26.19 -21.02
CA VAL B 19 -2.55 -26.79 -21.18
C VAL B 19 -2.25 -27.70 -20.00
N GLN B 20 -2.44 -27.18 -18.78
CA GLN B 20 -2.16 -27.96 -17.59
C GLN B 20 -3.02 -29.23 -17.54
N ASN B 21 -4.31 -29.11 -17.88
CA ASN B 21 -5.21 -30.25 -17.80
C ASN B 21 -4.80 -31.35 -18.78
N LEU B 22 -4.45 -30.97 -20.00
CA LEU B 22 -4.04 -31.95 -20.99
C LEU B 22 -2.80 -32.71 -20.53
N LEU B 23 -1.88 -32.01 -19.86
CA LEU B 23 -0.55 -32.52 -19.54
C LEU B 23 -0.39 -32.94 -18.10
N GLY B 24 -1.46 -32.91 -17.30
CA GLY B 24 -1.35 -33.29 -15.90
C GLY B 24 -0.40 -32.43 -15.09
N LEU B 25 -0.52 -31.11 -15.19
CA LEU B 25 0.34 -30.20 -14.45
C LEU B 25 -0.49 -29.38 -13.46
N GLY B 26 0.20 -28.84 -12.46
CA GLY B 26 -0.47 -27.99 -11.50
C GLY B 26 -1.63 -28.68 -10.81
N SER B 27 -2.72 -27.94 -10.67
CA SER B 27 -3.88 -28.48 -9.99
C SER B 27 -4.31 -29.84 -10.58
N PHE B 28 -4.09 -30.07 -11.88
CA PHE B 28 -4.58 -31.26 -12.57
C PHE B 28 -3.59 -32.44 -12.55
N ALA B 29 -2.61 -32.42 -11.65
CA ALA B 29 -1.56 -33.43 -11.63
C ALA B 29 -2.00 -34.64 -10.84
N ASP B 30 -1.83 -35.84 -11.41
CA ASP B 30 -2.09 -37.07 -10.68
C ASP B 30 -0.80 -37.61 -10.09
N GLY B 31 0.21 -37.88 -10.93
CA GLY B 31 1.55 -38.11 -10.47
C GLY B 31 2.44 -37.10 -11.14
N PRO B 32 3.73 -37.06 -10.79
CA PRO B 32 4.62 -36.06 -11.41
C PRO B 32 4.59 -36.22 -12.93
N SER B 33 4.50 -35.09 -13.63
CA SER B 33 4.24 -35.09 -15.06
C SER B 33 5.52 -35.14 -15.90
N LYS B 34 5.32 -35.42 -17.19
CA LYS B 34 6.35 -35.49 -18.22
C LYS B 34 6.56 -34.16 -18.95
N HIS B 35 5.88 -33.08 -18.57
CA HIS B 35 5.95 -31.88 -19.37
C HIS B 35 6.16 -30.64 -18.50
N GLU B 36 6.72 -29.62 -19.14
CA GLU B 36 7.00 -28.32 -18.54
C GLU B 36 6.31 -27.24 -19.34
N LEU B 37 5.53 -26.41 -18.65
CA LEU B 37 4.79 -25.31 -19.28
C LEU B 37 5.42 -23.98 -18.90
N THR B 38 5.77 -23.19 -19.90
CA THR B 38 6.36 -21.88 -19.69
C THR B 38 5.44 -20.83 -20.28
N ALA B 39 5.08 -19.85 -19.48
CA ALA B 39 4.26 -18.76 -19.95
C ALA B 39 5.14 -17.53 -20.06
N VAL B 40 5.13 -16.90 -21.23
CA VAL B 40 5.72 -15.58 -21.41
C VAL B 40 4.56 -14.61 -21.26
N VAL B 41 4.55 -13.90 -20.13
CA VAL B 41 3.37 -13.16 -19.67
C VAL B 41 3.51 -11.68 -19.98
N ASN B 42 2.46 -11.10 -20.53
CA ASN B 42 2.38 -9.67 -20.82
C ASN B 42 2.66 -8.78 -19.60
N ILE B 43 3.47 -7.74 -19.80
CA ILE B 43 3.67 -6.74 -18.75
C ILE B 43 3.13 -5.37 -19.16
N GLY B 44 2.45 -5.28 -20.30
CA GLY B 44 2.01 -4.01 -20.85
C GLY B 44 1.00 -3.28 -20.00
N ASP B 45 0.26 -3.99 -19.14
CA ASP B 45 -0.75 -3.41 -18.25
C ASP B 45 -0.18 -3.11 -16.85
N ASP B 46 1.07 -3.47 -16.59
CA ASP B 46 1.67 -3.26 -15.28
C ASP B 46 1.74 -1.76 -15.01
N ALA B 47 1.51 -1.37 -13.76
CA ALA B 47 1.56 0.04 -13.44
C ALA B 47 1.92 0.24 -11.97
N TRP B 48 2.64 1.34 -11.71
CA TRP B 48 2.78 1.86 -10.35
C TRP B 48 1.51 2.63 -10.00
N MET B 49 0.82 2.23 -8.94
CA MET B 49 -0.38 2.96 -8.54
C MET B 49 -0.49 2.97 -7.02
N HIS B 50 -0.70 4.16 -6.46
CA HIS B 50 -0.77 4.33 -5.01
C HIS B 50 0.50 3.87 -4.32
N GLY B 51 1.64 4.06 -4.99
CA GLY B 51 2.92 3.72 -4.43
C GLY B 51 3.24 2.24 -4.41
N VAL B 52 2.47 1.41 -5.11
CA VAL B 52 2.70 -0.04 -5.15
C VAL B 52 2.64 -0.50 -6.61
N ARG B 53 3.44 -1.51 -6.95
CA ARG B 53 3.50 -2.01 -8.32
C ARG B 53 2.46 -3.11 -8.57
N ILE B 54 1.62 -2.91 -9.59
CA ILE B 54 0.51 -3.80 -9.94
C ILE B 54 0.80 -4.46 -11.29
N CYS B 55 0.81 -5.79 -11.30
CA CYS B 55 1.05 -6.57 -12.53
C CYS B 55 -0.14 -7.48 -12.80
N PRO B 56 -1.18 -6.99 -13.51
CA PRO B 56 -2.44 -7.75 -13.57
C PRO B 56 -2.36 -9.11 -14.21
N ASP B 57 -1.65 -9.24 -15.34
CA ASP B 57 -1.64 -10.51 -16.06
C ASP B 57 -0.84 -11.57 -15.31
N LEU B 58 0.38 -11.23 -14.85
CA LEU B 58 1.12 -12.15 -13.99
C LEU B 58 0.28 -12.57 -12.78
N ASP B 59 -0.39 -11.62 -12.14
CA ASP B 59 -1.23 -12.00 -10.99
C ASP B 59 -2.38 -12.90 -11.42
N THR B 60 -3.03 -12.60 -12.57
CA THR B 60 -4.18 -13.41 -13.00
C THR B 60 -3.78 -14.85 -13.34
N CYS B 61 -2.63 -15.03 -14.00
CA CYS B 61 -2.12 -16.37 -14.23
C CYS B 61 -1.80 -17.07 -12.91
N MET B 62 -1.06 -16.38 -12.03
CA MET B 62 -0.65 -16.94 -10.75
C MET B 62 -1.86 -17.39 -9.91
N TYR B 63 -2.82 -16.48 -9.67
CA TYR B 63 -4.00 -16.83 -8.88
C TYR B 63 -4.82 -17.93 -9.57
N THR B 64 -5.01 -17.81 -10.87
CA THR B 64 -5.84 -18.79 -11.58
C THR B 64 -5.22 -20.17 -11.48
N LEU B 65 -3.95 -20.32 -11.90
CA LEU B 65 -3.32 -21.63 -11.86
C LEU B 65 -3.13 -22.10 -10.42
N GLY B 66 -2.91 -21.17 -9.50
CA GLY B 66 -2.84 -21.52 -8.10
C GLY B 66 -4.17 -21.79 -7.45
N GLY B 67 -5.27 -21.71 -8.20
CA GLY B 67 -6.56 -22.03 -7.65
C GLY B 67 -7.06 -21.04 -6.62
N GLY B 68 -6.84 -19.74 -6.86
CA GLY B 68 -7.26 -18.70 -5.92
C GLY B 68 -8.37 -17.78 -6.42
N ILE B 69 -8.76 -17.96 -7.68
CA ILE B 69 -9.78 -17.09 -8.26
C ILE B 69 -11.15 -17.50 -7.75
N ASP B 70 -12.03 -16.53 -7.61
CA ASP B 70 -13.38 -16.77 -7.11
C ASP B 70 -14.23 -17.45 -8.18
N PRO B 71 -14.71 -18.67 -7.95
CA PRO B 71 -15.50 -19.35 -9.00
C PRO B 71 -16.68 -18.53 -9.50
N ASP B 72 -17.41 -17.82 -8.62
CA ASP B 72 -18.66 -17.16 -9.02
C ASP B 72 -18.45 -15.78 -9.63
N ARG B 73 -17.41 -15.06 -9.24
CA ARG B 73 -17.11 -13.79 -9.88
C ARG B 73 -16.21 -13.97 -11.10
N GLY B 74 -15.39 -15.01 -11.11
CA GLY B 74 -14.44 -15.23 -12.18
C GLY B 74 -13.20 -14.38 -12.11
N TRP B 75 -13.21 -13.34 -11.29
CA TRP B 75 -12.07 -12.47 -11.07
C TRP B 75 -11.88 -12.23 -9.57
N GLY B 76 -10.63 -12.01 -9.17
CA GLY B 76 -10.32 -11.63 -7.81
C GLY B 76 -10.36 -12.79 -6.81
N HIS B 77 -9.88 -12.50 -5.61
CA HIS B 77 -9.79 -13.51 -4.57
C HIS B 77 -11.18 -13.92 -4.09
N ARG B 78 -11.23 -15.06 -3.41
CA ARG B 78 -12.42 -15.44 -2.65
C ARG B 78 -12.51 -14.58 -1.39
N ASN B 79 -13.74 -14.41 -0.91
CA ASN B 79 -14.01 -13.59 0.27
C ASN B 79 -13.15 -12.33 0.28
N GLU B 80 -13.14 -11.63 -0.86
CA GLU B 80 -12.45 -10.35 -1.02
C GLU B 80 -13.26 -9.20 -0.42
N THR B 81 -12.56 -8.20 0.10
CA THR B 81 -13.14 -6.92 0.47
C THR B 81 -12.38 -5.80 -0.23
N TRP B 82 -13.02 -4.63 -0.30
CA TRP B 82 -12.49 -3.47 -0.99
C TRP B 82 -12.55 -2.28 -0.06
N ASN B 83 -12.29 -2.54 1.22
CA ASN B 83 -12.31 -1.49 2.27
C ASN B 83 -11.15 -0.50 2.04
N ALA B 84 -9.97 -0.98 1.68
CA ALA B 84 -8.88 -0.05 1.40
C ALA B 84 -9.23 0.83 0.22
N LYS B 85 -9.74 0.21 -0.86
CA LYS B 85 -10.24 0.98 -1.99
C LYS B 85 -11.29 2.01 -1.54
N GLU B 86 -12.14 1.63 -0.59
CA GLU B 86 -13.21 2.53 -0.10
C GLU B 86 -12.57 3.79 0.52
N GLU B 87 -11.60 3.62 1.42
CA GLU B 87 -10.91 4.75 2.08
C GLU B 87 -10.14 5.58 1.04
N LEU B 88 -9.56 4.95 0.03
CA LEU B 88 -8.88 5.69 -1.02
C LEU B 88 -9.84 6.63 -1.75
N ALA B 89 -11.09 6.16 -2.00
CA ALA B 89 -12.10 7.05 -2.56
C ALA B 89 -12.35 8.24 -1.65
N ALA B 90 -12.51 7.97 -0.35
CA ALA B 90 -12.77 9.05 0.59
C ALA B 90 -11.62 10.05 0.59
N TYR B 91 -10.39 9.57 0.40
CA TYR B 91 -9.25 10.44 0.23
C TYR B 91 -9.24 11.10 -1.14
N GLY B 92 -10.18 10.75 -2.01
CA GLY B 92 -10.32 11.41 -3.30
C GLY B 92 -9.34 11.06 -4.40
N VAL B 93 -8.87 9.81 -4.48
CA VAL B 93 -7.92 9.44 -5.55
C VAL B 93 -8.61 8.57 -6.64
N LEU B 100 -8.49 -3.58 -7.04
CA LEU B 100 -7.69 -3.25 -5.84
C LEU B 100 -8.33 -3.77 -4.54
N GLY B 101 -8.64 -5.06 -4.54
CA GLY B 101 -9.12 -5.70 -3.33
C GLY B 101 -8.07 -5.69 -2.22
N ASP B 102 -8.57 -5.87 -1.00
CA ASP B 102 -7.68 -5.90 0.16
C ASP B 102 -6.69 -7.07 0.06
N ARG B 103 -7.21 -8.28 -0.17
CA ARG B 103 -6.34 -9.44 -0.36
C ARG B 103 -5.38 -9.19 -1.51
N ASP B 104 -5.89 -8.63 -2.60
CA ASP B 104 -5.07 -8.28 -3.74
C ASP B 104 -3.94 -7.32 -3.34
N LEU B 105 -4.21 -6.41 -2.39
CA LEU B 105 -3.19 -5.44 -2.00
C LEU B 105 -1.99 -6.11 -1.34
N ALA B 106 -2.22 -7.19 -0.59
CA ALA B 106 -1.11 -7.87 0.06
C ALA B 106 -0.06 -8.33 -0.95
N THR B 107 -0.51 -8.95 -2.05
CA THR B 107 0.41 -9.25 -3.14
C THR B 107 1.21 -8.01 -3.51
N HIS B 108 0.51 -6.89 -3.72
CA HIS B 108 1.16 -5.64 -4.12
C HIS B 108 2.20 -5.17 -3.09
N LEU B 109 1.88 -5.25 -1.80
CA LEU B 109 2.83 -4.81 -0.81
C LEU B 109 4.09 -5.67 -0.87
N VAL B 110 3.91 -6.98 -0.93
CA VAL B 110 5.06 -7.90 -0.97
C VAL B 110 5.89 -7.65 -2.22
N ARG B 111 5.23 -7.56 -3.38
CA ARG B 111 5.99 -7.36 -4.60
C ARG B 111 6.77 -6.05 -4.54
N SER B 112 6.12 -4.98 -4.07
CA SER B 112 6.75 -3.67 -4.03
C SER B 112 7.99 -3.69 -3.15
N GLN B 113 7.91 -4.36 -1.99
CA GLN B 113 9.03 -4.45 -1.06
C GLN B 113 10.22 -5.15 -1.69
N MET B 114 9.94 -6.17 -2.50
CA MET B 114 11.01 -6.92 -3.16
C MET B 114 11.65 -6.09 -4.25
N LEU B 115 10.85 -5.45 -5.09
CA LEU B 115 11.41 -4.66 -6.18
C LEU B 115 12.28 -3.53 -5.65
N ARG B 116 11.82 -2.84 -4.60
CA ARG B 116 12.59 -1.77 -4.01
C ARG B 116 13.87 -2.27 -3.34
N ALA B 117 13.91 -3.54 -2.96
CA ALA B 117 15.12 -4.13 -2.39
C ALA B 117 15.99 -4.78 -3.46
N GLY B 118 15.74 -4.51 -4.73
CA GLY B 118 16.62 -4.95 -5.80
C GLY B 118 16.26 -6.24 -6.53
N TYR B 119 15.21 -6.94 -6.13
CA TYR B 119 14.84 -8.15 -6.86
C TYR B 119 14.17 -7.82 -8.18
N PRO B 120 14.62 -8.42 -9.29
CA PRO B 120 13.89 -8.24 -10.56
C PRO B 120 12.54 -8.95 -10.52
N LEU B 121 11.64 -8.47 -11.38
CA LEU B 121 10.25 -8.96 -11.39
C LEU B 121 10.19 -10.48 -11.55
N SER B 122 11.01 -11.02 -12.44
CA SER B 122 11.09 -12.48 -12.58
C SER B 122 11.28 -13.18 -11.23
N GLN B 123 12.19 -12.67 -10.38
CA GLN B 123 12.38 -13.26 -9.06
C GLN B 123 11.24 -12.91 -8.10
N VAL B 124 10.76 -11.66 -8.12
CA VAL B 124 9.53 -11.39 -7.39
C VAL B 124 8.46 -12.43 -7.78
N THR B 125 8.29 -12.67 -9.07
CA THR B 125 7.28 -13.63 -9.48
C THR B 125 7.54 -15.02 -8.89
N GLU B 126 8.79 -15.52 -9.00
CA GLU B 126 9.06 -16.86 -8.46
C GLU B 126 8.75 -16.92 -6.98
N ALA B 127 9.12 -15.88 -6.24
CA ALA B 127 8.87 -15.82 -4.80
C ALA B 127 7.37 -15.87 -4.49
N LEU B 128 6.57 -15.08 -5.21
CA LEU B 128 5.13 -15.18 -4.98
C LEU B 128 4.61 -16.58 -5.33
N CYS B 129 5.19 -17.20 -6.37
CA CYS B 129 4.66 -18.50 -6.78
C CYS B 129 5.00 -19.63 -5.83
N LYS B 130 5.91 -19.42 -4.88
CA LYS B 130 6.06 -20.43 -3.85
C LYS B 130 4.78 -20.56 -3.04
N ARG B 131 4.02 -19.47 -2.90
CA ARG B 131 2.77 -19.57 -2.19
C ARG B 131 1.66 -20.15 -3.06
N TRP B 132 1.56 -19.73 -4.31
CA TRP B 132 0.44 -20.13 -5.16
C TRP B 132 0.67 -21.45 -5.87
N GLN B 133 1.93 -21.75 -6.16
CA GLN B 133 2.32 -23.01 -6.77
C GLN B 133 1.46 -23.31 -8.01
N PRO B 134 1.54 -22.42 -9.01
CA PRO B 134 0.68 -22.56 -10.20
C PRO B 134 0.97 -23.81 -11.02
N GLY B 135 2.13 -24.45 -10.84
CA GLY B 135 2.46 -25.57 -11.68
C GLY B 135 2.89 -25.14 -13.06
N ALA B 136 3.33 -23.89 -13.21
CA ALA B 136 3.86 -23.37 -14.46
C ALA B 136 4.92 -22.31 -14.15
N ARG B 137 5.81 -22.12 -15.12
CA ARG B 137 6.82 -21.07 -15.04
C ARG B 137 6.23 -19.82 -15.67
N LEU B 138 5.96 -18.82 -14.84
CA LEU B 138 5.37 -17.57 -15.30
C LEU B 138 6.50 -16.54 -15.38
N LEU B 139 7.03 -16.38 -16.57
CA LEU B 139 8.10 -15.42 -16.83
C LEU B 139 7.51 -14.10 -17.33
N PRO B 140 7.80 -12.97 -16.69
CA PRO B 140 7.40 -11.71 -17.29
C PRO B 140 8.12 -11.52 -18.60
N ALA B 141 7.42 -10.98 -19.58
CA ALA B 141 8.04 -10.72 -20.88
C ALA B 141 9.31 -9.92 -20.72
N SER B 142 9.40 -9.11 -19.67
CA SER B 142 10.58 -8.28 -19.45
C SER B 142 10.65 -7.95 -17.96
N ASP B 143 11.88 -7.85 -17.46
CA ASP B 143 12.06 -7.33 -16.11
C ASP B 143 12.09 -5.81 -16.08
N GLU B 144 12.15 -5.14 -17.24
CA GLU B 144 12.11 -3.68 -17.29
C GLU B 144 10.67 -3.20 -17.54
N ARG B 145 10.48 -1.89 -17.39
CA ARG B 145 9.16 -1.30 -17.59
C ARG B 145 8.81 -1.25 -19.08
N SER B 146 7.60 -1.67 -19.40
CA SER B 146 7.10 -1.54 -20.78
C SER B 146 5.58 -1.48 -20.63
N GLU B 147 5.03 -0.28 -20.60
CA GLU B 147 3.63 -0.10 -20.22
C GLU B 147 2.82 0.38 -21.41
N THR B 148 1.81 -0.40 -21.76
CA THR B 148 0.90 -0.05 -22.84
C THR B 148 0.15 1.22 -22.51
N HIS B 149 0.27 2.21 -23.39
CA HIS B 149 -0.51 3.44 -23.34
C HIS B 149 -1.35 3.59 -24.60
N VAL B 150 -2.36 4.46 -24.48
CA VAL B 150 -3.28 4.82 -25.55
C VAL B 150 -3.23 6.34 -25.73
N VAL B 151 -2.96 6.80 -26.95
CA VAL B 151 -2.88 8.24 -27.27
C VAL B 151 -4.26 8.76 -27.65
N ILE B 152 -4.78 9.69 -26.86
CA ILE B 152 -6.10 10.24 -27.06
C ILE B 152 -5.99 11.71 -27.48
N THR B 153 -7.10 12.25 -27.94
CA THR B 153 -7.32 13.68 -27.97
C THR B 153 -7.91 14.05 -26.62
N ASP B 154 -7.15 14.80 -25.81
CA ASP B 154 -7.64 15.20 -24.50
C ASP B 154 -8.71 16.30 -24.65
N PRO B 155 -9.90 16.14 -24.05
CA PRO B 155 -10.95 17.15 -24.26
C PRO B 155 -10.80 18.42 -23.42
N THR B 156 -9.97 18.43 -22.38
CA THR B 156 -9.72 19.68 -21.67
C THR B 156 -9.03 20.70 -22.58
N ASP B 157 -8.02 20.27 -23.34
CA ASP B 157 -7.21 21.19 -24.14
C ASP B 157 -7.05 20.79 -25.60
N GLY B 158 -7.59 19.63 -26.02
CA GLY B 158 -7.44 19.18 -27.39
C GLY B 158 -6.09 18.59 -27.75
N GLU B 159 -5.21 18.34 -26.79
CA GLU B 159 -3.87 17.82 -27.06
C GLU B 159 -3.88 16.29 -27.11
N ARG B 160 -3.05 15.74 -27.98
CA ARG B 160 -2.76 14.31 -27.89
C ARG B 160 -2.04 14.03 -26.58
N ARG B 161 -2.51 13.02 -25.86
CA ARG B 161 -1.94 12.58 -24.61
C ARG B 161 -1.86 11.08 -24.68
N ALA B 162 -0.84 10.52 -24.04
CA ALA B 162 -0.82 9.09 -23.79
C ALA B 162 -1.36 8.84 -22.40
N ILE B 163 -2.29 7.90 -22.31
CA ILE B 163 -2.90 7.45 -21.08
C ILE B 163 -2.49 6.00 -20.89
N HIS B 164 -2.25 5.60 -19.65
CA HIS B 164 -2.02 4.18 -19.38
C HIS B 164 -3.24 3.37 -19.82
N PHE B 165 -2.99 2.23 -20.49
CA PHE B 165 -4.09 1.40 -20.95
C PHE B 165 -5.18 1.26 -19.90
N GLN B 166 -4.80 1.03 -18.64
CA GLN B 166 -5.78 0.84 -17.58
C GLN B 166 -6.66 2.07 -17.38
N GLU B 167 -6.07 3.26 -17.40
CA GLU B 167 -6.92 4.44 -17.27
C GLU B 167 -7.76 4.62 -18.53
N TRP B 168 -7.17 4.36 -19.69
CA TRP B 168 -7.96 4.47 -20.91
C TRP B 168 -9.17 3.54 -20.86
N TRP B 169 -8.97 2.30 -20.40
CA TRP B 169 -10.03 1.29 -20.48
C TRP B 169 -11.25 1.67 -19.63
N VAL B 170 -11.02 2.15 -18.41
CA VAL B 170 -12.12 2.48 -17.49
C VAL B 170 -12.74 3.84 -17.81
N ARG B 171 -11.90 4.87 -18.04
CA ARG B 171 -12.32 6.26 -18.17
C ARG B 171 -12.58 6.74 -19.61
N TYR B 172 -11.62 6.56 -20.52
CA TYR B 172 -11.68 7.26 -21.80
C TYR B 172 -12.17 6.42 -22.97
N ARG B 173 -12.14 5.10 -22.85
CA ARG B 173 -12.56 4.23 -23.94
C ARG B 173 -13.98 4.58 -24.39
N ALA B 174 -14.13 4.82 -25.69
CA ALA B 174 -15.39 5.16 -26.34
C ALA B 174 -15.95 6.50 -25.90
N LYS B 175 -15.14 7.37 -25.31
CA LYS B 175 -15.63 8.67 -24.89
C LYS B 175 -14.86 9.85 -25.47
N VAL B 176 -13.68 9.60 -26.05
CA VAL B 176 -12.87 10.60 -26.75
C VAL B 176 -12.16 9.91 -27.89
N PRO B 177 -11.75 10.67 -28.89
CA PRO B 177 -10.98 10.08 -30.00
C PRO B 177 -9.67 9.44 -29.54
N THR B 178 -9.42 8.23 -30.05
CA THR B 178 -8.21 7.48 -29.74
C THR B 178 -7.45 7.26 -31.05
N HIS B 179 -6.14 7.45 -31.02
CA HIS B 179 -5.33 7.50 -32.23
C HIS B 179 -4.37 6.33 -32.39
N SER B 180 -3.72 5.87 -31.34
CA SER B 180 -2.75 4.79 -31.49
C SER B 180 -2.42 4.21 -30.11
N PHE B 181 -1.59 3.18 -30.12
CA PHE B 181 -1.00 2.64 -28.90
C PHE B 181 0.47 3.07 -28.88
N ALA B 182 0.97 3.35 -27.68
CA ALA B 182 2.39 3.59 -27.47
C ALA B 182 2.87 2.60 -26.42
N TYR B 183 4.06 2.05 -26.63
CA TYR B 183 4.65 1.05 -25.75
C TYR B 183 5.81 1.71 -24.99
N VAL B 184 5.46 2.37 -23.88
CA VAL B 184 6.34 3.28 -23.14
C VAL B 184 7.40 2.46 -22.41
N GLY B 185 8.65 2.59 -22.84
CA GLY B 185 9.76 1.86 -22.27
C GLY B 185 10.17 0.64 -23.07
N ALA B 186 9.30 0.16 -23.97
CA ALA B 186 9.58 -1.06 -24.75
C ALA B 186 10.93 -0.98 -25.43
N ASP B 187 11.17 0.11 -26.15
CA ASP B 187 12.43 0.24 -26.88
C ASP B 187 13.64 0.17 -25.96
N GLN B 188 13.47 0.53 -24.68
CA GLN B 188 14.56 0.44 -23.71
C GLN B 188 14.55 -0.87 -22.91
N ALA B 189 13.65 -1.79 -23.20
CA ALA B 189 13.51 -3.04 -22.45
C ALA B 189 14.25 -4.16 -23.16
N THR B 190 14.70 -5.15 -22.39
CA THR B 190 15.24 -6.39 -22.94
C THR B 190 14.35 -7.57 -22.56
N ALA B 191 14.37 -8.62 -23.38
CA ALA B 191 13.61 -9.83 -23.06
C ALA B 191 13.99 -10.35 -21.68
N GLY B 192 12.97 -10.63 -20.85
CA GLY B 192 13.18 -11.06 -19.48
C GLY B 192 13.96 -12.35 -19.37
N PRO B 193 14.50 -12.66 -18.18
CA PRO B 193 15.33 -13.86 -18.02
C PRO B 193 14.59 -15.11 -18.46
N GLY B 194 15.24 -15.89 -19.32
CA GLY B 194 14.69 -17.15 -19.76
C GLY B 194 13.70 -17.06 -20.90
N VAL B 195 13.33 -15.86 -21.35
CA VAL B 195 12.25 -15.74 -22.33
C VAL B 195 12.70 -16.19 -23.71
N VAL B 196 13.85 -15.69 -24.17
CA VAL B 196 14.41 -16.13 -25.45
C VAL B 196 14.77 -17.61 -25.40
N GLU B 197 15.27 -18.08 -24.26
CA GLU B 197 15.58 -19.50 -24.12
C GLU B 197 14.30 -20.34 -24.17
N ALA B 198 13.26 -19.90 -23.45
CA ALA B 198 12.01 -20.66 -23.45
C ALA B 198 11.40 -20.74 -24.84
N ILE B 199 11.55 -19.68 -25.64
CA ILE B 199 11.05 -19.67 -27.01
C ILE B 199 11.94 -20.51 -27.93
N GLY B 200 13.25 -20.52 -27.68
CA GLY B 200 14.17 -21.22 -28.54
C GLY B 200 14.20 -22.72 -28.38
N ASP B 201 14.02 -23.20 -27.15
CA ASP B 201 14.17 -24.62 -26.85
C ASP B 201 12.86 -25.36 -26.80
N ALA B 202 11.74 -24.66 -26.93
CA ALA B 202 10.44 -25.29 -26.82
C ALA B 202 10.23 -26.32 -27.94
N ASP B 203 9.38 -27.30 -27.65
CA ASP B 203 8.85 -28.17 -28.69
C ASP B 203 7.75 -27.49 -29.50
N ILE B 204 7.07 -26.51 -28.90
CA ILE B 204 6.01 -25.79 -29.60
C ILE B 204 5.77 -24.49 -28.85
N VAL B 205 5.46 -23.44 -29.62
CA VAL B 205 5.10 -22.13 -29.08
C VAL B 205 3.65 -21.83 -29.49
N LEU B 206 2.83 -21.52 -28.49
CA LEU B 206 1.41 -21.23 -28.68
C LEU B 206 1.11 -19.79 -28.32
N LEU B 207 0.42 -19.08 -29.22
CA LEU B 207 -0.16 -17.77 -28.94
C LEU B 207 -1.59 -17.97 -28.43
N ALA B 208 -1.78 -17.75 -27.14
CA ALA B 208 -3.09 -17.89 -26.53
C ALA B 208 -4.08 -16.95 -27.19
N PRO B 209 -5.39 -17.32 -27.20
CA PRO B 209 -6.43 -16.47 -27.79
C PRO B 209 -6.74 -15.21 -27.00
N SER B 210 -5.71 -14.55 -26.50
CA SER B 210 -5.86 -13.28 -25.83
C SER B 210 -6.08 -12.18 -26.87
N ASN B 211 -6.33 -10.98 -26.38
CA ASN B 211 -6.47 -9.84 -27.27
C ASN B 211 -5.18 -9.69 -28.07
N PRO B 212 -5.25 -9.66 -29.39
CA PRO B 212 -4.00 -9.62 -30.16
C PRO B 212 -3.21 -8.33 -30.01
N VAL B 213 -3.86 -7.18 -29.83
CA VAL B 213 -3.16 -5.89 -29.83
C VAL B 213 -2.54 -5.59 -28.47
N VAL B 214 -3.31 -5.79 -27.40
CA VAL B 214 -2.94 -5.35 -26.05
C VAL B 214 -2.69 -6.51 -25.10
N SER B 215 -2.69 -7.74 -25.59
CA SER B 215 -2.34 -8.87 -24.73
C SER B 215 -1.15 -9.64 -25.29
N ILE B 216 -1.24 -10.14 -26.51
CA ILE B 216 -0.08 -10.73 -27.17
C ILE B 216 0.81 -9.63 -27.75
N GLY B 217 0.18 -8.62 -28.36
CA GLY B 217 0.86 -7.55 -29.05
C GLY B 217 2.04 -6.93 -28.31
N PRO B 218 1.81 -6.47 -27.07
CA PRO B 218 2.89 -5.78 -26.35
C PRO B 218 4.06 -6.71 -25.98
N ILE B 219 3.81 -8.00 -25.74
CA ILE B 219 4.91 -8.95 -25.60
C ILE B 219 5.84 -8.85 -26.80
N LEU B 220 5.26 -8.69 -28.00
CA LEU B 220 6.04 -8.64 -29.23
C LEU B 220 6.85 -7.35 -29.37
N GLN B 221 6.53 -6.30 -28.61
CA GLN B 221 7.25 -5.04 -28.67
C GLN B 221 8.53 -5.04 -27.85
N ILE B 222 8.74 -6.04 -27.01
CA ILE B 222 9.96 -6.23 -26.24
C ILE B 222 11.10 -6.68 -27.15
N PRO B 223 12.14 -5.87 -27.28
CA PRO B 223 13.24 -6.24 -28.18
C PRO B 223 13.75 -7.64 -27.88
N GLY B 224 13.98 -8.40 -28.94
CA GLY B 224 14.50 -9.74 -28.74
C GLY B 224 13.44 -10.81 -28.80
N ILE B 225 12.24 -10.52 -28.30
CA ILE B 225 11.18 -11.54 -28.28
C ILE B 225 10.70 -11.84 -29.70
N ARG B 226 10.45 -10.82 -30.51
CA ARG B 226 9.98 -11.08 -31.86
C ARG B 226 11.04 -11.85 -32.65
N GLY B 227 12.31 -11.45 -32.50
CA GLY B 227 13.38 -12.17 -33.18
C GLY B 227 13.43 -13.63 -32.78
N ALA B 228 13.31 -13.90 -31.48
CA ALA B 228 13.25 -15.29 -31.02
C ALA B 228 12.16 -16.05 -31.75
N LEU B 229 10.96 -15.47 -31.85
CA LEU B 229 9.83 -16.16 -32.48
C LEU B 229 10.09 -16.48 -33.94
N ARG B 230 10.71 -15.57 -34.67
CA ARG B 230 10.99 -15.83 -36.08
C ARG B 230 12.07 -16.88 -36.24
N SER B 231 13.03 -16.93 -35.31
CA SER B 231 14.20 -17.78 -35.45
C SER B 231 14.00 -19.20 -34.93
N THR B 232 13.02 -19.44 -34.06
CA THR B 232 12.98 -20.69 -33.32
C THR B 232 12.48 -21.82 -34.19
N SER B 233 13.01 -23.02 -33.93
CA SER B 233 12.65 -24.19 -34.71
C SER B 233 11.38 -24.85 -34.19
N ALA B 234 10.87 -24.37 -33.07
CA ALA B 234 9.57 -24.82 -32.58
C ALA B 234 8.49 -24.30 -33.51
N PRO B 235 7.53 -25.14 -33.93
CA PRO B 235 6.33 -24.61 -34.58
C PRO B 235 5.67 -23.56 -33.69
N VAL B 236 5.12 -22.53 -34.32
CA VAL B 236 4.40 -21.46 -33.64
C VAL B 236 2.94 -21.53 -34.11
N ILE B 237 2.03 -21.86 -33.19
CA ILE B 237 0.61 -22.00 -33.49
C ILE B 237 -0.18 -20.93 -32.74
N GLY B 238 -0.92 -20.11 -33.48
CA GLY B 238 -1.75 -19.07 -32.90
C GLY B 238 -3.20 -19.47 -32.87
N TYR B 239 -3.92 -19.01 -31.84
CA TYR B 239 -5.35 -19.25 -31.65
C TYR B 239 -6.16 -17.97 -31.86
N SER B 240 -7.14 -18.04 -32.75
CA SER B 240 -7.92 -16.86 -33.06
C SER B 240 -8.73 -16.41 -31.84
N PRO B 241 -8.77 -15.12 -31.56
CA PRO B 241 -9.60 -14.60 -30.47
C PRO B 241 -11.04 -14.27 -30.88
N ILE B 242 -11.40 -14.42 -32.13
CA ILE B 242 -12.71 -14.00 -32.65
C ILE B 242 -13.66 -15.18 -32.61
N ILE B 243 -14.72 -15.06 -31.81
CA ILE B 243 -15.78 -16.06 -31.72
C ILE B 243 -17.10 -15.55 -32.31
N ALA B 244 -17.32 -15.79 -33.61
CA ALA B 244 -18.58 -15.39 -34.25
C ALA B 244 -19.78 -16.10 -33.62
N GLY B 245 -20.99 -15.78 -34.11
CA GLY B 245 -22.19 -16.46 -33.68
C GLY B 245 -22.83 -15.95 -32.40
N LYS B 246 -22.31 -14.88 -31.81
CA LYS B 246 -22.91 -14.34 -30.61
C LYS B 246 -24.21 -13.60 -30.96
N PRO B 247 -25.06 -13.37 -29.96
CA PRO B 247 -26.28 -12.57 -30.20
C PRO B 247 -25.95 -11.21 -30.82
N LEU B 248 -26.74 -10.83 -31.84
CA LEU B 248 -26.55 -9.57 -32.55
C LEU B 248 -25.19 -9.52 -33.23
N ARG B 249 -24.57 -10.70 -33.37
CA ARG B 249 -23.28 -10.87 -34.02
C ARG B 249 -22.16 -10.22 -33.23
N GLY B 250 -22.41 -9.89 -31.97
CA GLY B 250 -21.33 -9.45 -31.12
C GLY B 250 -20.97 -8.01 -31.46
N MET B 251 -19.88 -7.56 -30.83
CA MET B 251 -19.31 -6.24 -31.07
C MET B 251 -17.87 -6.41 -31.54
N ALA B 252 -17.40 -5.48 -32.36
CA ALA B 252 -15.98 -5.47 -32.76
C ALA B 252 -15.05 -5.19 -31.56
N ASP B 253 -13.81 -5.64 -31.68
CA ASP B 253 -12.87 -5.40 -30.58
C ASP B 253 -12.49 -3.93 -30.55
N GLU B 254 -12.62 -3.31 -29.38
CA GLU B 254 -12.32 -1.89 -29.30
C GLU B 254 -10.84 -1.61 -29.58
N CYS B 255 -9.92 -2.51 -29.17
CA CYS B 255 -8.50 -2.18 -29.35
C CYS B 255 -8.01 -2.51 -30.75
N LEU B 256 -8.60 -3.50 -31.41
CA LEU B 256 -8.39 -3.67 -32.84
C LEU B 256 -8.93 -2.48 -33.62
N LYS B 257 -10.06 -1.90 -33.18
CA LYS B 257 -10.55 -0.69 -33.85
C LYS B 257 -9.49 0.43 -33.82
N VAL B 258 -8.78 0.58 -32.70
CA VAL B 258 -7.80 1.66 -32.58
C VAL B 258 -6.74 1.57 -33.69
N ILE B 259 -6.32 0.36 -34.04
CA ILE B 259 -5.38 0.19 -35.15
C ILE B 259 -6.11 -0.15 -36.46
N GLY B 260 -7.42 0.12 -36.56
CA GLY B 260 -8.13 -0.09 -37.83
C GLY B 260 -8.04 -1.50 -38.40
N VAL B 261 -8.15 -2.52 -37.55
CA VAL B 261 -8.06 -3.91 -37.97
C VAL B 261 -9.40 -4.53 -37.68
N GLU B 262 -10.00 -5.14 -38.72
CA GLU B 262 -11.33 -5.74 -38.58
C GLU B 262 -11.27 -6.86 -37.56
N SER B 263 -12.41 -7.12 -36.92
CA SER B 263 -12.51 -8.19 -35.94
C SER B 263 -12.94 -9.48 -36.66
N THR B 264 -12.04 -9.97 -37.52
CA THR B 264 -12.22 -11.24 -38.20
C THR B 264 -11.00 -12.13 -37.97
N SER B 265 -11.23 -13.44 -37.94
CA SER B 265 -10.12 -14.37 -37.84
C SER B 265 -9.11 -14.13 -38.95
N GLN B 266 -9.59 -13.74 -40.13
CA GLN B 266 -8.69 -13.41 -41.21
C GLN B 266 -7.81 -12.21 -40.87
N ALA B 267 -8.40 -11.15 -40.28
CA ALA B 267 -7.63 -9.93 -39.98
C ALA B 267 -6.61 -10.15 -38.87
N VAL B 268 -7.03 -10.76 -37.75
CA VAL B 268 -6.09 -11.03 -36.68
C VAL B 268 -4.96 -11.94 -37.18
N GLY B 269 -5.31 -12.91 -38.01
CA GLY B 269 -4.30 -13.76 -38.61
C GLY B 269 -3.27 -12.96 -39.39
N GLU B 270 -3.74 -12.03 -40.23
CA GLU B 270 -2.80 -11.21 -41.00
C GLU B 270 -2.03 -10.28 -40.08
N PHE B 271 -2.62 -9.89 -38.96
CA PHE B 271 -1.90 -9.08 -37.99
C PHE B 271 -0.63 -9.81 -37.54
N PHE B 272 -0.74 -11.08 -37.16
CA PHE B 272 0.46 -11.81 -36.78
C PHE B 272 1.26 -12.21 -38.02
N GLY B 273 0.58 -12.58 -39.10
CA GLY B 273 1.24 -12.85 -40.36
C GLY B 273 1.96 -14.18 -40.39
N ALA B 274 2.50 -14.49 -41.57
CA ALA B 274 3.10 -15.78 -41.83
C ALA B 274 4.60 -15.75 -41.52
N ARG B 275 5.07 -16.76 -40.78
CA ARG B 275 6.52 -16.96 -40.62
C ARG B 275 7.19 -17.19 -41.96
N ALA B 276 6.50 -17.85 -42.91
CA ALA B 276 7.03 -17.97 -44.26
C ALA B 276 7.40 -16.61 -44.84
N GLY B 277 6.73 -15.55 -44.41
CA GLY B 277 7.02 -14.23 -44.94
C GLY B 277 7.83 -13.40 -43.97
N THR B 278 7.25 -12.30 -43.49
CA THR B 278 7.83 -11.51 -42.42
C THR B 278 7.14 -11.76 -41.07
N GLY B 279 6.11 -12.62 -41.04
CA GLY B 279 5.23 -12.74 -39.91
C GLY B 279 5.70 -13.75 -38.88
N LEU B 280 4.75 -14.22 -38.06
CA LEU B 280 5.06 -15.03 -36.88
C LEU B 280 4.44 -16.43 -36.87
N LEU B 281 3.44 -16.70 -37.70
CA LEU B 281 2.64 -17.91 -37.55
C LEU B 281 3.06 -19.03 -38.49
N ASP B 282 3.07 -20.26 -37.98
CA ASP B 282 3.07 -21.45 -38.84
C ASP B 282 1.67 -22.00 -39.00
N GLY B 283 0.90 -22.00 -37.90
CA GLY B 283 -0.48 -22.40 -37.94
C GLY B 283 -1.35 -21.39 -37.22
N TRP B 284 -2.65 -21.45 -37.54
CA TRP B 284 -3.62 -20.47 -37.06
C TRP B 284 -4.94 -21.21 -36.91
N LEU B 285 -5.38 -21.36 -35.68
CA LEU B 285 -6.61 -22.07 -35.44
C LEU B 285 -7.75 -21.07 -35.33
N VAL B 286 -8.88 -21.40 -35.94
CA VAL B 286 -10.10 -20.62 -35.87
C VAL B 286 -11.20 -21.53 -35.38
N HIS B 287 -12.24 -20.91 -34.81
CA HIS B 287 -13.40 -21.63 -34.28
C HIS B 287 -14.20 -22.23 -35.44
N GLU B 288 -14.93 -23.32 -35.16
CA GLU B 288 -15.57 -24.04 -36.25
C GLU B 288 -16.66 -23.20 -36.91
N GLY B 289 -16.69 -23.25 -38.24
CA GLY B 289 -17.48 -22.39 -39.07
C GLY B 289 -16.81 -21.13 -39.55
N ASP B 290 -15.62 -20.81 -39.05
CA ASP B 290 -14.83 -19.62 -39.39
C ASP B 290 -13.79 -20.00 -40.44
N HIS B 291 -13.40 -19.02 -41.24
CA HIS B 291 -12.45 -19.26 -42.33
C HIS B 291 -11.29 -18.27 -42.29
N ALA B 292 -10.13 -18.74 -42.70
CA ALA B 292 -9.03 -17.83 -42.97
C ALA B 292 -8.12 -18.49 -43.98
N GLN B 293 -7.78 -17.75 -45.02
CA GLN B 293 -6.73 -18.17 -45.95
C GLN B 293 -5.63 -17.14 -45.81
N ILE B 294 -4.44 -17.60 -45.44
CA ILE B 294 -3.26 -16.75 -45.27
C ILE B 294 -2.08 -17.45 -45.90
N GLU B 295 -1.45 -16.81 -46.88
CA GLU B 295 -0.37 -17.45 -47.61
C GLU B 295 0.76 -17.84 -46.65
N GLY B 296 1.09 -19.13 -46.67
CA GLY B 296 2.13 -19.70 -45.86
C GLY B 296 1.68 -20.29 -44.54
N VAL B 297 0.42 -20.11 -44.17
CA VAL B 297 -0.07 -20.43 -42.82
C VAL B 297 -1.09 -21.54 -42.92
N LYS B 298 -0.92 -22.57 -42.09
CA LYS B 298 -1.86 -23.68 -42.03
C LYS B 298 -3.02 -23.28 -41.13
N VAL B 299 -4.22 -23.26 -41.71
CA VAL B 299 -5.43 -22.80 -41.06
C VAL B 299 -6.37 -24.00 -40.88
N LYS B 300 -6.92 -24.15 -39.68
CA LYS B 300 -7.86 -25.23 -39.39
C LYS B 300 -8.94 -24.72 -38.45
N ALA B 301 -10.19 -24.98 -38.80
CA ALA B 301 -11.31 -24.69 -37.92
C ALA B 301 -11.56 -25.88 -37.00
N VAL B 302 -11.56 -25.65 -35.69
CA VAL B 302 -11.90 -26.66 -34.69
C VAL B 302 -12.65 -25.91 -33.59
N PRO B 303 -13.26 -26.58 -32.62
CA PRO B 303 -13.89 -25.84 -31.51
C PRO B 303 -12.82 -25.05 -30.74
N LEU B 304 -13.12 -23.78 -30.47
CA LEU B 304 -12.15 -22.87 -29.86
C LEU B 304 -12.75 -22.14 -28.68
N LEU B 305 -13.72 -22.75 -27.99
CA LEU B 305 -14.32 -22.13 -26.83
C LEU B 305 -13.70 -22.74 -25.58
N MET B 306 -13.21 -21.88 -24.69
CA MET B 306 -12.55 -22.29 -23.46
C MET B 306 -13.61 -22.47 -22.37
N THR B 307 -14.54 -23.38 -22.69
CA THR B 307 -15.71 -23.55 -21.85
C THR B 307 -15.34 -24.07 -20.47
N ASP B 308 -14.36 -24.96 -20.42
CA ASP B 308 -13.79 -25.49 -19.20
C ASP B 308 -12.43 -26.08 -19.54
N PRO B 309 -11.61 -26.42 -18.53
CA PRO B 309 -10.31 -27.02 -18.83
C PRO B 309 -10.40 -28.22 -19.77
N GLU B 310 -11.48 -28.99 -19.69
CA GLU B 310 -11.62 -30.12 -20.60
C GLU B 310 -11.67 -29.65 -22.06
N ALA B 311 -12.49 -28.63 -22.34
CA ALA B 311 -12.57 -28.10 -23.70
C ALA B 311 -11.26 -27.43 -24.11
N THR B 312 -10.66 -26.66 -23.22
CA THR B 312 -9.39 -26.05 -23.54
C THR B 312 -8.33 -27.12 -23.79
N ALA B 313 -8.35 -28.21 -23.01
CA ALA B 313 -7.44 -29.33 -23.28
C ALA B 313 -7.61 -29.84 -24.72
N ALA B 314 -8.86 -29.97 -25.19
CA ALA B 314 -9.05 -30.34 -26.58
C ALA B 314 -8.46 -29.29 -27.51
N MET B 315 -8.67 -28.00 -27.18
CA MET B 315 -8.11 -26.92 -28.00
C MET B 315 -6.59 -27.01 -28.09
N VAL B 316 -5.92 -27.19 -26.95
CA VAL B 316 -4.46 -27.36 -26.96
C VAL B 316 -4.08 -28.60 -27.77
N ARG B 317 -4.82 -29.70 -27.61
CA ARG B 317 -4.49 -30.91 -28.38
C ARG B 317 -4.51 -30.63 -29.88
N ALA B 318 -5.48 -29.84 -30.36
CA ALA B 318 -5.53 -29.51 -31.79
C ALA B 318 -4.36 -28.64 -32.21
N GLY B 319 -3.77 -27.88 -31.28
CA GLY B 319 -2.61 -27.09 -31.64
C GLY B 319 -1.40 -27.97 -31.88
N LEU B 320 -1.17 -28.94 -31.00
CA LEU B 320 -0.13 -29.93 -31.22
C LEU B 320 -0.30 -30.65 -32.54
N ASP B 321 -1.53 -31.07 -32.86
CA ASP B 321 -1.73 -31.85 -34.07
C ASP B 321 -1.42 -31.04 -35.31
N LEU B 322 -1.83 -29.78 -35.35
CA LEU B 322 -1.59 -28.99 -36.55
C LEU B 322 -0.11 -28.76 -36.76
N ALA B 323 0.63 -28.55 -35.66
CA ALA B 323 2.09 -28.41 -35.71
C ALA B 323 2.79 -29.75 -35.98
N GLY B 324 2.14 -30.87 -35.68
CA GLY B 324 2.79 -32.15 -35.79
C GLY B 324 3.74 -32.46 -34.66
N VAL B 325 3.38 -32.11 -33.43
CA VAL B 325 4.23 -32.23 -32.26
C VAL B 325 3.58 -33.19 -31.28
N SER B 326 4.39 -34.09 -30.69
CA SER B 326 3.89 -35.02 -29.68
C SER B 326 4.58 -34.87 -28.33
PB GDP C . -0.16 6.52 23.06
O1B GDP C . 0.23 5.56 24.11
O2B GDP C . 0.98 7.17 22.38
O3B GDP C . -1.20 6.08 22.14
O3A GDP C . -0.88 7.60 23.96
PA GDP C . -0.22 8.80 24.77
O1A GDP C . 1.09 8.47 25.38
O2A GDP C . -0.39 9.94 23.84
O5' GDP C . -1.21 8.92 25.97
C5' GDP C . -1.26 7.78 26.80
C4' GDP C . -0.93 8.14 28.22
O4' GDP C . -1.97 8.96 28.73
C3' GDP C . -0.94 6.92 29.09
O3' GDP C . 0.37 6.39 29.27
C2' GDP C . -1.58 7.34 30.40
O2' GDP C . -0.65 7.45 31.45
C1' GDP C . -2.11 8.71 30.10
N9 GDP C . -3.53 8.79 30.44
C8 GDP C . -4.52 8.07 29.92
N7 GDP C . -5.69 8.41 30.47
C5 GDP C . -5.46 9.38 31.36
C6 GDP C . -6.25 10.18 32.29
O6 GDP C . -7.47 10.03 32.37
N1 GDP C . -5.60 11.06 33.04
C2 GDP C . -4.28 11.25 32.97
N2 GDP C . -3.73 12.17 33.78
N3 GDP C . -3.49 10.55 32.15
C4 GDP C . -4.02 9.62 31.34
N1 FO1 D . -0.66 -1.29 18.36
C1 FO1 D . -0.64 -2.71 18.65
O1 FO1 D . -0.58 -3.01 19.73
N2 FO1 D . -0.68 -3.72 17.67
C2 FO1 D . -0.74 -3.35 16.32
O2 FO1 D . -0.77 -4.19 15.54
C3 FO1 D . -0.74 -1.89 15.98
C4 FO1 D . -0.84 -1.44 14.60
C5 FO1 D . -0.89 0.02 14.24
C6 FO1 D . -0.97 0.41 12.91
C7 FO1 D . -1.00 1.76 12.57
C9 FO1 D . -0.94 2.68 13.62
O10 FO1 D . -0.99 3.97 13.15
C11 FO1 D . -0.87 2.27 14.94
C12 FO1 D . -0.83 0.95 15.24
N3 FO1 D . -0.79 0.50 16.68
C13 FO1 D . -0.73 -0.92 16.99
C14 FO1 D . -0.67 1.42 17.79
C15 FO1 D . 0.83 1.85 17.85
O3 FO1 D . 1.72 0.93 17.32
C16 FO1 D . 1.35 2.06 19.25
O4 FO1 D . 0.39 1.98 20.19
C17 FO1 D . 1.87 3.47 19.26
O5 FO1 D . 2.98 3.51 18.49
C18 FO1 D . 2.15 3.85 20.70
O6 FO1 D . 1.10 4.60 21.11
HN3 FO1 D . -0.66 -4.55 17.89
HC6 FO1 D . -0.99 -0.24 12.24
HC82 FO1 D . -1.40 3.99 12.40
HC9 FO1 D . -0.83 2.91 15.62
HC11 FO1 D . -0.92 0.99 18.61
HC12 FO1 D . -1.22 2.20 17.64
HC2' FO1 D . 0.93 2.68 17.37
HO2' FO1 D . 1.89 1.14 16.52
HC3' FO1 D . 2.07 1.44 19.44
HO3' FO1 D . 0.00 1.23 20.13
HC4' FO1 D . 1.21 4.06 18.90
HO4' FO1 D . 3.64 3.81 18.96
HC51 FO1 D . 2.97 4.38 20.75
HC52 FO1 D . 2.23 3.06 21.26
HO5' FO1 D . 0.44 4.48 20.58
H21 FO1 D . -0.89 -2.08 13.93
HC7 FO1 D . -1.04 2.02 11.69
CA CA E . 18.16 16.63 9.07
CA CA F . 19.33 14.59 24.15
CA CA G . 2.43 6.83 20.76
PB GDP H . -8.86 -9.92 -20.50
O1B GDP H . -8.20 -9.49 -19.20
O2B GDP H . -9.65 -11.20 -20.32
O3B GDP H . -9.82 -8.84 -20.96
O3A GDP H . -7.69 -10.09 -21.61
PA GDP H . -7.37 -11.37 -22.58
O1A GDP H . -6.70 -12.49 -21.83
O2A GDP H . -6.48 -10.87 -23.72
O5' GDP H . -8.73 -12.04 -23.14
C5' GDP H . -9.81 -11.39 -23.83
C4' GDP H . -9.87 -12.02 -25.22
O4' GDP H . -9.99 -13.43 -25.03
C3' GDP H . -11.14 -11.61 -25.92
O3' GDP H . -10.87 -10.59 -26.89
C2' GDP H . -11.68 -12.85 -26.59
O2' GDP H . -11.73 -12.72 -28.02
C1' GDP H . -10.73 -13.95 -26.13
N9 GDP H . -11.44 -15.14 -25.63
C8 GDP H . -12.14 -15.28 -24.49
N7 GDP H . -12.68 -16.52 -24.39
C5 GDP H . -12.35 -17.16 -25.54
C6 GDP H . -12.60 -18.48 -26.12
O6 GDP H . -13.28 -19.34 -25.50
N1 GDP H . -12.08 -18.74 -27.32
C2 GDP H . -11.34 -17.86 -28.01
N2 GDP H . -10.84 -18.21 -29.23
N3 GDP H . -11.06 -16.62 -27.53
C4 GDP H . -11.53 -16.24 -26.33
CA CA I . -24.70 -18.32 -30.54
#